data_2I5G
#
_entry.id   2I5G
#
_cell.length_a   81.644
_cell.length_b   150.615
_cell.length_c   68.828
_cell.angle_alpha   90.00
_cell.angle_beta   97.94
_cell.angle_gamma   90.00
#
_symmetry.space_group_name_H-M   'C 1 2 1'
#
loop_
_entity.id
_entity.type
_entity.pdbx_description
1 polymer amidohydrolase
2 water water
#
_entity_poly.entity_id   1
_entity_poly.type   'polypeptide(L)'
_entity_poly.pdbx_seq_one_letter_code
;LSPAELHADSIVIDGLIIAKWNRELFED(MSE)RKGGLTAANCTVSVWEGFQATVNNITASNKLIRDNSDLVIPVRSTAD
IRKAKEQGKTGILYGFQNAHAFEDQIGYVEVFKQLGVGIVQ(MSE)CYNTQNLVGTGCYERDGGLSGFGREIVAE(MSE)
NRVGI(MSE)CDLSHVGSKTSEEVILESKKPVCYSHCLPSGLKEHPRNKSDEELKFIADHGGFVGVT(MSE)FAPFLKKG
IDSTIDDYAEAIEYV(MSE)NIVGEDAIGIGTDFTQGHGHDFFEWLTHDKGYARRLTNFGKIVNPLGIRTVGEFPNLTET
LLKRG(MSE)PERVVRKV(MSE)GENWVRVLRDVWGE
;
_entity_poly.pdbx_strand_id   A,B
#
# COMPACT_ATOMS: atom_id res chain seq x y z
N LEU A 1 24.42 -43.92 5.92
CA LEU A 1 25.22 -43.86 7.18
C LEU A 1 26.27 -42.76 7.17
N SER A 2 27.23 -42.87 6.26
CA SER A 2 28.30 -41.89 6.16
C SER A 2 27.79 -40.52 5.76
N PRO A 3 28.38 -39.45 6.31
CA PRO A 3 27.94 -38.10 5.97
C PRO A 3 28.28 -37.81 4.50
N ALA A 4 27.41 -38.28 3.62
CA ALA A 4 27.54 -38.11 2.18
C ALA A 4 26.49 -39.03 1.60
N GLU A 5 26.40 -40.23 2.17
CA GLU A 5 25.41 -41.20 1.76
C GLU A 5 24.07 -40.71 2.30
N LEU A 6 24.12 -40.03 3.44
CA LEU A 6 22.91 -39.51 4.07
C LEU A 6 22.34 -38.38 3.21
N HIS A 7 23.15 -37.36 2.99
CA HIS A 7 22.76 -36.23 2.17
C HIS A 7 22.22 -36.76 0.85
N ALA A 8 22.94 -37.71 0.26
CA ALA A 8 22.54 -38.30 -1.02
C ALA A 8 21.20 -39.01 -0.96
N ASP A 9 21.02 -39.83 0.08
CA ASP A 9 19.80 -40.58 0.25
C ASP A 9 18.77 -39.73 1.01
N SER A 10 18.80 -38.42 0.78
CA SER A 10 17.87 -37.55 1.48
C SER A 10 17.24 -36.45 0.65
N ILE A 11 16.09 -35.97 1.12
CA ILE A 11 15.36 -34.89 0.47
C ILE A 11 15.90 -33.60 1.05
N VAL A 12 16.66 -32.85 0.26
CA VAL A 12 17.19 -31.59 0.74
C VAL A 12 16.41 -30.46 0.08
N ILE A 13 15.96 -29.52 0.91
CA ILE A 13 15.17 -28.40 0.44
C ILE A 13 15.69 -27.12 1.05
N ASP A 14 15.61 -26.02 0.29
CA ASP A 14 16.07 -24.73 0.78
C ASP A 14 14.92 -23.74 0.75
N GLY A 15 14.60 -23.20 1.91
CA GLY A 15 13.51 -22.25 2.04
C GLY A 15 13.63 -20.94 1.28
N LEU A 16 14.83 -20.55 0.89
CA LEU A 16 14.98 -19.31 0.16
C LEU A 16 16.27 -19.13 -0.62
N ILE A 17 16.12 -18.81 -1.90
CA ILE A 17 17.24 -18.58 -2.79
C ILE A 17 16.90 -17.47 -3.79
N ILE A 18 17.77 -16.47 -3.87
CA ILE A 18 17.64 -15.34 -4.78
C ILE A 18 18.99 -15.20 -5.47
N ALA A 19 19.30 -16.18 -6.32
CA ALA A 19 20.56 -16.19 -7.05
C ALA A 19 20.33 -15.73 -8.47
N LYS A 20 21.39 -15.28 -9.15
CA LYS A 20 21.29 -14.87 -10.54
C LYS A 20 21.02 -16.17 -11.29
N TRP A 21 19.97 -16.21 -12.09
CA TRP A 21 19.63 -17.43 -12.80
C TRP A 21 20.38 -17.67 -14.11
N ASN A 22 20.92 -18.87 -14.24
CA ASN A 22 21.65 -19.30 -15.43
C ASN A 22 21.93 -20.79 -15.28
N ARG A 23 22.44 -21.43 -16.31
CA ARG A 23 22.70 -22.85 -16.25
C ARG A 23 23.73 -23.23 -15.18
N GLU A 24 24.66 -22.32 -14.90
CA GLU A 24 25.69 -22.61 -13.93
C GLU A 24 25.10 -22.70 -12.52
N LEU A 25 24.06 -21.90 -12.26
CA LEU A 25 23.43 -21.91 -10.95
C LEU A 25 22.75 -23.25 -10.79
N PHE A 26 22.10 -23.69 -11.86
CA PHE A 26 21.40 -24.97 -11.89
C PHE A 26 22.33 -26.13 -11.61
N GLU A 27 23.51 -26.10 -12.23
CA GLU A 27 24.49 -27.16 -12.04
C GLU A 27 25.06 -27.21 -10.62
N ASP A 28 25.15 -26.04 -9.98
CA ASP A 28 25.67 -25.97 -8.62
C ASP A 28 24.61 -26.51 -7.66
N MSE A 29 23.36 -26.45 -8.09
CA MSE A 29 22.27 -26.96 -7.27
C MSE A 29 22.39 -28.47 -7.32
O MSE A 29 22.16 -29.17 -6.33
CB MSE A 29 20.91 -26.52 -7.84
CG MSE A 29 20.73 -25.03 -7.93
SE MSE A 29 18.93 -24.53 -8.40
CE MSE A 29 18.58 -23.21 -7.04
N ARG A 30 22.75 -28.97 -8.49
CA ARG A 30 22.92 -30.40 -8.68
C ARG A 30 24.15 -30.88 -7.90
N LYS A 31 25.24 -30.12 -7.98
CA LYS A 31 26.45 -30.48 -7.25
C LYS A 31 26.21 -30.61 -5.75
N GLY A 32 25.26 -29.83 -5.23
CA GLY A 32 24.96 -29.88 -3.81
C GLY A 32 23.87 -30.87 -3.47
N GLY A 33 23.37 -31.59 -4.48
CA GLY A 33 22.33 -32.57 -4.24
C GLY A 33 20.98 -32.00 -3.82
N LEU A 34 20.79 -30.70 -4.07
CA LEU A 34 19.56 -30.02 -3.73
C LEU A 34 18.37 -30.69 -4.41
N THR A 35 17.33 -30.98 -3.66
CA THR A 35 16.14 -31.62 -4.23
C THR A 35 15.16 -30.56 -4.71
N ALA A 36 14.90 -29.56 -3.86
CA ALA A 36 13.99 -28.50 -4.25
C ALA A 36 14.32 -27.19 -3.54
N ALA A 37 13.84 -26.08 -4.09
CA ALA A 37 14.11 -24.78 -3.49
C ALA A 37 13.06 -23.71 -3.80
N ASN A 38 12.79 -22.87 -2.79
CA ASN A 38 11.86 -21.75 -2.91
C ASN A 38 12.64 -20.63 -3.61
N CYS A 39 12.41 -20.45 -4.90
CA CYS A 39 13.10 -19.40 -5.63
C CYS A 39 12.26 -18.15 -5.78
N THR A 40 12.83 -17.03 -5.38
CA THR A 40 12.18 -15.74 -5.45
C THR A 40 12.12 -15.19 -6.87
N VAL A 41 10.92 -14.79 -7.29
CA VAL A 41 10.71 -14.22 -8.62
C VAL A 41 10.06 -12.83 -8.48
N SER A 42 10.12 -12.26 -7.29
CA SER A 42 9.52 -10.96 -7.04
C SER A 42 9.82 -10.43 -5.64
N VAL A 43 10.11 -9.13 -5.55
CA VAL A 43 10.39 -8.49 -4.26
C VAL A 43 9.77 -7.09 -4.18
N TRP A 44 10.02 -6.25 -5.19
CA TRP A 44 9.45 -4.89 -5.20
C TRP A 44 8.44 -4.77 -6.35
N GLU A 45 8.57 -5.64 -7.34
CA GLU A 45 7.70 -5.61 -8.53
C GLU A 45 6.18 -5.75 -8.35
N GLY A 46 5.44 -5.10 -9.25
CA GLY A 46 3.99 -5.16 -9.22
C GLY A 46 3.52 -6.39 -9.97
N PHE A 47 2.24 -6.43 -10.36
CA PHE A 47 1.69 -7.57 -11.08
C PHE A 47 2.44 -7.95 -12.36
N GLN A 48 2.22 -7.19 -13.43
CA GLN A 48 2.88 -7.49 -14.70
C GLN A 48 4.38 -7.68 -14.63
N ALA A 49 5.08 -6.88 -13.84
CA ALA A 49 6.53 -7.06 -13.77
C ALA A 49 6.85 -8.41 -13.15
N THR A 50 6.01 -8.85 -12.20
CA THR A 50 6.21 -10.14 -11.56
C THR A 50 5.93 -11.25 -12.58
N VAL A 51 4.87 -11.07 -13.36
CA VAL A 51 4.49 -12.03 -14.39
C VAL A 51 5.68 -12.20 -15.35
N ASN A 52 6.34 -11.10 -15.66
CA ASN A 52 7.49 -11.14 -16.56
C ASN A 52 8.61 -12.01 -16.02
N ASN A 53 8.86 -11.90 -14.71
CA ASN A 53 9.91 -12.70 -14.08
C ASN A 53 9.55 -14.17 -14.19
N ILE A 54 8.26 -14.47 -14.12
CA ILE A 54 7.80 -15.84 -14.20
C ILE A 54 7.99 -16.37 -15.62
N THR A 55 7.70 -15.52 -16.60
CA THR A 55 7.88 -15.90 -18.00
C THR A 55 9.36 -16.19 -18.22
N ALA A 56 10.20 -15.29 -17.75
CA ALA A 56 11.64 -15.45 -17.89
C ALA A 56 12.12 -16.70 -17.16
N SER A 57 11.50 -17.00 -16.02
CA SER A 57 11.86 -18.18 -15.24
C SER A 57 11.47 -19.46 -15.98
N ASN A 58 10.22 -19.54 -16.44
CA ASN A 58 9.75 -20.70 -17.16
C ASN A 58 10.64 -21.01 -18.36
N LYS A 59 11.28 -19.97 -18.92
CA LYS A 59 12.14 -20.18 -20.07
C LYS A 59 13.47 -20.83 -19.68
N LEU A 60 14.07 -20.39 -18.58
CA LEU A 60 15.33 -20.97 -18.15
C LEU A 60 15.12 -22.43 -17.81
N ILE A 61 14.01 -22.73 -17.15
CA ILE A 61 13.70 -24.11 -16.78
C ILE A 61 13.54 -24.91 -18.07
N ARG A 62 12.67 -24.42 -18.95
CA ARG A 62 12.41 -25.08 -20.21
C ARG A 62 13.71 -25.44 -20.92
N ASP A 63 14.57 -24.45 -21.06
CA ASP A 63 15.84 -24.64 -21.75
C ASP A 63 16.86 -25.49 -21.01
N ASN A 64 16.64 -25.71 -19.71
CA ASN A 64 17.53 -26.51 -18.89
C ASN A 64 16.76 -27.61 -18.15
N SER A 65 15.76 -28.19 -18.83
CA SER A 65 14.91 -29.22 -18.25
C SER A 65 15.63 -30.49 -17.82
N ASP A 66 16.91 -30.60 -18.19
CA ASP A 66 17.69 -31.78 -17.83
C ASP A 66 18.32 -31.61 -16.45
N LEU A 67 18.14 -30.42 -15.88
CA LEU A 67 18.69 -30.08 -14.57
C LEU A 67 17.61 -29.75 -13.56
N VAL A 68 16.56 -29.05 -14.01
CA VAL A 68 15.49 -28.64 -13.11
C VAL A 68 14.10 -28.84 -13.69
N ILE A 69 13.11 -28.89 -12.80
CA ILE A 69 11.70 -29.06 -13.17
C ILE A 69 10.88 -28.22 -12.19
N PRO A 70 9.70 -27.76 -12.64
CA PRO A 70 8.79 -26.94 -11.83
C PRO A 70 8.31 -27.69 -10.60
N VAL A 71 7.86 -26.96 -9.59
CA VAL A 71 7.34 -27.57 -8.38
C VAL A 71 6.03 -26.91 -7.98
N ARG A 72 4.93 -27.67 -8.04
CA ARG A 72 3.62 -27.15 -7.68
C ARG A 72 3.01 -27.97 -6.55
N SER A 73 3.37 -29.25 -6.52
CA SER A 73 2.88 -30.18 -5.49
C SER A 73 4.08 -30.85 -4.86
N THR A 74 3.90 -31.46 -3.69
CA THR A 74 5.03 -32.12 -3.04
C THR A 74 5.38 -33.36 -3.85
N ALA A 75 4.45 -33.78 -4.70
CA ALA A 75 4.67 -34.92 -5.57
C ALA A 75 5.76 -34.55 -6.57
N ASP A 76 5.88 -33.26 -6.88
CA ASP A 76 6.91 -32.81 -7.82
C ASP A 76 8.27 -32.94 -7.13
N ILE A 77 8.26 -32.87 -5.80
CA ILE A 77 9.49 -32.98 -5.03
C ILE A 77 10.01 -34.41 -5.06
N ARG A 78 9.09 -35.37 -4.94
CA ARG A 78 9.44 -36.78 -4.97
C ARG A 78 9.93 -37.11 -6.38
N LYS A 79 9.30 -36.49 -7.37
CA LYS A 79 9.67 -36.73 -8.76
C LYS A 79 11.09 -36.21 -9.03
N ALA A 80 11.36 -34.99 -8.59
CA ALA A 80 12.66 -34.40 -8.80
C ALA A 80 13.79 -35.24 -8.19
N LYS A 81 13.54 -35.77 -7.00
CA LYS A 81 14.55 -36.60 -6.34
C LYS A 81 14.80 -37.87 -7.13
N GLU A 82 13.74 -38.60 -7.43
CA GLU A 82 13.87 -39.87 -8.15
C GLU A 82 14.24 -39.70 -9.61
N GLN A 83 14.46 -38.46 -10.05
CA GLN A 83 14.85 -38.23 -11.42
C GLN A 83 16.19 -37.54 -11.52
N GLY A 84 16.84 -37.37 -10.37
CA GLY A 84 18.14 -36.74 -10.33
C GLY A 84 18.11 -35.30 -10.84
N LYS A 85 17.11 -34.55 -10.37
CA LYS A 85 16.97 -33.15 -10.77
C LYS A 85 16.62 -32.29 -9.58
N THR A 86 16.59 -30.98 -9.81
CA THR A 86 16.27 -30.02 -8.76
C THR A 86 14.93 -29.38 -9.01
N GLY A 87 14.03 -29.53 -8.06
CA GLY A 87 12.71 -28.95 -8.21
C GLY A 87 12.76 -27.48 -7.88
N ILE A 88 12.01 -26.68 -8.62
CA ILE A 88 11.97 -25.24 -8.39
C ILE A 88 10.58 -24.77 -8.07
N LEU A 89 10.44 -24.23 -6.86
CA LEU A 89 9.17 -23.73 -6.35
C LEU A 89 9.17 -22.19 -6.34
N TYR A 90 8.32 -21.60 -7.17
CA TYR A 90 8.24 -20.14 -7.26
C TYR A 90 7.73 -19.47 -6.01
N GLY A 91 8.44 -18.42 -5.59
CA GLY A 91 8.03 -17.67 -4.42
C GLY A 91 8.11 -16.15 -4.58
N PHE A 92 7.29 -15.45 -3.80
CA PHE A 92 7.28 -13.98 -3.81
C PHE A 92 7.74 -13.53 -2.44
N GLN A 93 8.56 -12.50 -2.38
CA GLN A 93 8.98 -12.01 -1.08
C GLN A 93 8.18 -10.75 -0.78
N ASN A 94 7.07 -10.58 -1.48
CA ASN A 94 6.21 -9.43 -1.28
C ASN A 94 4.82 -9.73 -1.83
N ALA A 95 3.78 -9.31 -1.10
CA ALA A 95 2.41 -9.52 -1.54
C ALA A 95 2.02 -8.42 -2.52
N HIS A 96 2.91 -7.45 -2.70
CA HIS A 96 2.66 -6.32 -3.59
C HIS A 96 2.32 -6.73 -5.02
N ALA A 97 2.80 -7.90 -5.44
CA ALA A 97 2.54 -8.42 -6.77
C ALA A 97 1.04 -8.61 -7.01
N PHE A 98 0.29 -8.80 -5.93
CA PHE A 98 -1.17 -8.95 -6.01
C PHE A 98 -1.81 -7.58 -6.22
N GLU A 99 -1.03 -6.52 -6.04
CA GLU A 99 -1.54 -5.17 -6.16
C GLU A 99 -2.81 -5.03 -5.30
N ASP A 100 -3.94 -4.61 -5.88
CA ASP A 100 -5.16 -4.46 -5.09
C ASP A 100 -6.22 -5.46 -5.50
N GLN A 101 -5.80 -6.51 -6.18
CA GLN A 101 -6.73 -7.52 -6.63
C GLN A 101 -6.58 -8.80 -5.82
N ILE A 102 -7.68 -9.28 -5.25
CA ILE A 102 -7.67 -10.51 -4.47
C ILE A 102 -7.74 -11.66 -5.46
N GLY A 103 -8.07 -11.32 -6.69
CA GLY A 103 -8.19 -12.31 -7.75
C GLY A 103 -6.83 -12.78 -8.25
N TYR A 104 -5.79 -12.01 -7.99
CA TYR A 104 -4.45 -12.38 -8.44
C TYR A 104 -3.85 -13.49 -7.60
N VAL A 105 -4.39 -13.71 -6.40
CA VAL A 105 -3.85 -14.77 -5.56
C VAL A 105 -4.06 -16.10 -6.31
N GLU A 106 -5.23 -16.29 -6.87
CA GLU A 106 -5.51 -17.52 -7.60
C GLU A 106 -4.77 -17.57 -8.94
N VAL A 107 -4.55 -16.41 -9.56
CA VAL A 107 -3.86 -16.31 -10.83
C VAL A 107 -2.42 -16.78 -10.72
N PHE A 108 -1.71 -16.27 -9.72
CA PHE A 108 -0.31 -16.64 -9.54
C PHE A 108 -0.17 -18.10 -9.14
N LYS A 109 -1.11 -18.57 -8.34
CA LYS A 109 -1.11 -19.96 -7.93
C LYS A 109 -1.17 -20.80 -9.19
N GLN A 110 -2.02 -20.39 -10.14
CA GLN A 110 -2.15 -21.11 -11.41
C GLN A 110 -0.87 -21.03 -12.23
N LEU A 111 -0.02 -20.06 -11.91
CA LEU A 111 1.24 -19.90 -12.62
C LEU A 111 2.42 -20.56 -11.91
N GLY A 112 2.12 -21.31 -10.85
CA GLY A 112 3.18 -22.01 -10.15
C GLY A 112 3.75 -21.36 -8.89
N VAL A 113 3.10 -20.32 -8.38
CA VAL A 113 3.59 -19.67 -7.17
C VAL A 113 3.03 -20.40 -5.96
N GLY A 114 3.89 -20.84 -5.05
CA GLY A 114 3.43 -21.57 -3.88
C GLY A 114 3.72 -20.97 -2.52
N ILE A 115 4.53 -19.92 -2.48
CA ILE A 115 4.87 -19.28 -1.23
C ILE A 115 4.92 -17.77 -1.43
N VAL A 116 4.27 -17.02 -0.55
CA VAL A 116 4.27 -15.58 -0.68
C VAL A 116 4.51 -14.89 0.64
N GLN A 117 5.50 -14.01 0.67
CA GLN A 117 5.80 -13.24 1.87
C GLN A 117 4.77 -12.12 1.90
N MSE A 118 4.22 -11.83 3.08
CA MSE A 118 3.21 -10.79 3.22
C MSE A 118 3.70 -9.39 2.88
O MSE A 118 3.03 -8.64 2.17
CB MSE A 118 2.63 -10.81 4.63
CG MSE A 118 1.14 -11.10 4.69
SE MSE A 118 0.68 -12.62 3.59
CE MSE A 118 1.91 -13.87 4.37
N CYS A 119 4.87 -9.03 3.40
CA CYS A 119 5.41 -7.70 3.14
C CYS A 119 6.91 -7.77 2.97
N TYR A 120 7.51 -6.65 2.58
CA TYR A 120 8.94 -6.58 2.41
C TYR A 120 9.54 -5.30 2.97
N ASN A 121 10.00 -5.37 4.22
CA ASN A 121 10.64 -4.25 4.91
C ASN A 121 9.78 -3.04 5.26
N THR A 122 8.99 -2.56 4.31
CA THR A 122 8.15 -1.38 4.54
C THR A 122 6.65 -1.63 4.38
N GLN A 123 5.85 -0.58 4.57
CA GLN A 123 4.40 -0.71 4.47
C GLN A 123 3.88 -1.16 3.10
N ASN A 124 2.94 -2.10 3.15
CA ASN A 124 2.30 -2.72 1.99
C ASN A 124 0.85 -2.26 1.95
N LEU A 125 0.03 -2.97 1.19
CA LEU A 125 -1.40 -2.67 1.15
C LEU A 125 -1.99 -3.64 2.17
N VAL A 126 -1.23 -4.70 2.50
CA VAL A 126 -1.72 -5.71 3.44
C VAL A 126 -1.17 -5.59 4.87
N GLY A 127 0.08 -5.17 5.00
CA GLY A 127 0.68 -5.02 6.32
C GLY A 127 1.89 -4.12 6.23
N THR A 128 2.82 -4.27 7.16
CA THR A 128 4.01 -3.44 7.13
C THR A 128 5.26 -4.26 7.49
N GLY A 129 6.36 -3.97 6.80
CA GLY A 129 7.62 -4.68 7.00
C GLY A 129 8.31 -4.50 8.34
N CYS A 130 9.51 -5.08 8.44
CA CYS A 130 10.28 -5.03 9.68
C CYS A 130 11.25 -3.87 9.87
N TYR A 131 11.31 -2.94 8.93
CA TYR A 131 12.23 -1.82 9.09
C TYR A 131 11.54 -0.48 9.34
N GLU A 132 10.28 -0.53 9.76
CA GLU A 132 9.52 0.69 10.00
C GLU A 132 8.41 0.45 11.00
N ARG A 133 7.88 1.54 11.57
CA ARG A 133 6.78 1.46 12.52
C ARG A 133 5.75 0.50 11.91
N ASP A 134 5.42 -0.56 12.65
CA ASP A 134 4.48 -1.58 12.15
C ASP A 134 3.03 -1.28 12.54
N GLY A 135 2.20 -1.01 11.54
CA GLY A 135 0.80 -0.69 11.81
C GLY A 135 -0.14 -1.87 11.99
N GLY A 136 0.34 -3.08 11.76
CA GLY A 136 -0.49 -4.26 11.91
C GLY A 136 -1.07 -4.70 10.59
N LEU A 137 -1.79 -5.82 10.61
CA LEU A 137 -2.42 -6.37 9.42
C LEU A 137 -3.62 -5.50 9.04
N SER A 138 -3.65 -5.03 7.80
CA SER A 138 -4.73 -4.16 7.35
C SER A 138 -5.97 -4.98 7.04
N GLY A 139 -7.09 -4.31 6.78
CA GLY A 139 -8.31 -5.00 6.44
C GLY A 139 -8.11 -5.82 5.18
N PHE A 140 -7.62 -5.15 4.12
CA PHE A 140 -7.37 -5.80 2.84
C PHE A 140 -6.46 -7.01 3.05
N GLY A 141 -5.51 -6.88 3.97
CA GLY A 141 -4.60 -7.97 4.25
C GLY A 141 -5.29 -9.22 4.77
N ARG A 142 -6.36 -9.05 5.54
CA ARG A 142 -7.08 -10.20 6.08
C ARG A 142 -7.82 -10.92 4.96
N GLU A 143 -8.17 -10.19 3.91
CA GLU A 143 -8.87 -10.79 2.78
C GLU A 143 -7.83 -11.55 1.96
N ILE A 144 -6.62 -11.01 1.90
CA ILE A 144 -5.57 -11.67 1.15
C ILE A 144 -5.15 -12.96 1.84
N VAL A 145 -5.05 -12.94 3.17
CA VAL A 145 -4.67 -14.14 3.90
C VAL A 145 -5.71 -15.22 3.63
N ALA A 146 -6.98 -14.85 3.79
CA ALA A 146 -8.09 -15.76 3.56
C ALA A 146 -8.00 -16.45 2.20
N GLU A 147 -7.95 -15.67 1.11
CA GLU A 147 -7.87 -16.24 -0.23
C GLU A 147 -6.64 -17.14 -0.38
N MSE A 148 -5.52 -16.75 0.21
CA MSE A 148 -4.30 -17.55 0.15
C MSE A 148 -4.52 -18.92 0.80
O MSE A 148 -3.98 -19.93 0.35
CB MSE A 148 -3.13 -16.83 0.82
CG MSE A 148 -2.58 -15.66 0.02
SE MSE A 148 -1.14 -14.68 0.89
CE MSE A 148 0.23 -16.04 0.79
N ASN A 149 -5.32 -18.95 1.87
CA ASN A 149 -5.61 -20.19 2.56
C ASN A 149 -6.49 -21.07 1.68
N ARG A 150 -7.42 -20.43 0.97
CA ARG A 150 -8.36 -21.12 0.10
C ARG A 150 -7.69 -21.67 -1.16
N VAL A 151 -6.83 -20.85 -1.76
CA VAL A 151 -6.12 -21.21 -2.99
C VAL A 151 -4.93 -22.15 -2.76
N GLY A 152 -4.31 -22.05 -1.60
CA GLY A 152 -3.19 -22.92 -1.30
C GLY A 152 -1.81 -22.30 -1.48
N ILE A 153 -1.61 -21.08 -0.98
CA ILE A 153 -0.32 -20.42 -1.06
C ILE A 153 0.10 -20.14 0.36
N MSE A 154 1.26 -20.64 0.75
CA MSE A 154 1.75 -20.45 2.10
C MSE A 154 2.17 -19.02 2.42
O MSE A 154 2.80 -18.35 1.61
CB MSE A 154 2.91 -21.39 2.36
CG MSE A 154 3.54 -21.25 3.72
SE MSE A 154 4.68 -22.74 4.15
CE MSE A 154 4.41 -22.74 6.06
N CYS A 155 1.80 -18.57 3.62
CA CYS A 155 2.12 -17.23 4.10
C CYS A 155 3.52 -17.20 4.70
N ASP A 156 4.35 -16.29 4.23
CA ASP A 156 5.72 -16.14 4.70
C ASP A 156 5.82 -14.81 5.44
N LEU A 157 6.60 -14.78 6.52
CA LEU A 157 6.74 -13.58 7.33
C LEU A 157 8.15 -13.18 7.72
N SER A 158 9.15 -13.74 7.06
CA SER A 158 10.54 -13.40 7.38
C SER A 158 10.83 -11.91 7.44
N HIS A 159 10.34 -11.16 6.44
CA HIS A 159 10.58 -9.72 6.36
C HIS A 159 9.43 -8.86 6.90
N VAL A 160 8.39 -9.51 7.44
CA VAL A 160 7.26 -8.77 7.99
C VAL A 160 7.52 -8.36 9.45
N GLY A 161 7.01 -7.19 9.83
CA GLY A 161 7.18 -6.71 11.18
C GLY A 161 6.45 -7.58 12.18
N SER A 162 6.70 -7.34 13.47
CA SER A 162 6.09 -8.13 14.54
C SER A 162 4.58 -7.99 14.71
N LYS A 163 4.08 -6.75 14.68
CA LYS A 163 2.65 -6.52 14.81
C LYS A 163 1.85 -7.24 13.73
N THR A 164 2.20 -7.01 12.48
CA THR A 164 1.46 -7.67 11.41
C THR A 164 1.76 -9.15 11.36
N SER A 165 2.97 -9.53 11.77
CA SER A 165 3.32 -10.94 11.76
C SER A 165 2.41 -11.73 12.69
N GLU A 166 2.21 -11.22 13.91
CA GLU A 166 1.37 -11.92 14.87
C GLU A 166 -0.08 -12.06 14.41
N GLU A 167 -0.63 -11.01 13.80
CA GLU A 167 -2.00 -11.05 13.33
C GLU A 167 -2.15 -12.12 12.24
N VAL A 168 -1.15 -12.22 11.37
CA VAL A 168 -1.18 -13.20 10.31
C VAL A 168 -1.17 -14.63 10.87
N ILE A 169 -0.37 -14.87 11.90
CA ILE A 169 -0.30 -16.20 12.49
C ILE A 169 -1.66 -16.59 13.09
N LEU A 170 -2.32 -15.60 13.68
CA LEU A 170 -3.61 -15.80 14.33
C LEU A 170 -4.77 -15.88 13.34
N GLU A 171 -4.58 -15.34 12.14
CA GLU A 171 -5.63 -15.32 11.12
C GLU A 171 -5.63 -16.49 10.14
N SER A 172 -4.47 -16.99 9.75
CA SER A 172 -4.42 -18.10 8.81
C SER A 172 -4.86 -19.39 9.45
N LYS A 173 -5.54 -20.21 8.65
CA LYS A 173 -6.05 -21.51 9.10
C LYS A 173 -5.08 -22.61 8.66
N LYS A 174 -3.97 -22.17 8.08
CA LYS A 174 -2.94 -23.07 7.60
C LYS A 174 -1.62 -22.53 8.13
N PRO A 175 -0.69 -23.43 8.48
CA PRO A 175 0.61 -23.02 9.00
C PRO A 175 1.27 -21.93 8.15
N VAL A 176 1.91 -20.98 8.82
CA VAL A 176 2.63 -19.92 8.13
C VAL A 176 4.12 -20.15 8.43
N CYS A 177 4.99 -19.34 7.88
CA CYS A 177 6.41 -19.57 8.12
C CYS A 177 7.30 -18.35 8.06
N TYR A 178 8.52 -18.53 8.55
CA TYR A 178 9.57 -17.52 8.50
C TYR A 178 10.59 -18.29 7.67
N SER A 179 10.34 -18.37 6.36
CA SER A 179 11.21 -19.10 5.43
C SER A 179 12.69 -18.90 5.67
N HIS A 180 13.09 -17.69 6.06
CA HIS A 180 14.50 -17.40 6.30
C HIS A 180 14.73 -16.31 7.34
N CYS A 181 15.17 -16.70 8.53
CA CYS A 181 15.44 -15.73 9.59
C CYS A 181 16.42 -16.28 10.61
N LEU A 182 16.83 -15.42 11.54
CA LEU A 182 17.76 -15.79 12.59
C LEU A 182 17.30 -15.28 13.93
N PRO A 183 17.73 -15.93 15.02
CA PRO A 183 17.36 -15.56 16.38
C PRO A 183 17.99 -14.26 16.85
N SER A 184 17.17 -13.35 17.38
CA SER A 184 17.69 -12.09 17.89
C SER A 184 18.34 -12.33 19.24
N GLY A 185 18.23 -13.56 19.73
CA GLY A 185 18.85 -13.92 20.99
C GLY A 185 20.33 -14.13 20.79
N LEU A 186 20.78 -13.96 19.55
CA LEU A 186 22.20 -14.10 19.22
C LEU A 186 22.71 -12.81 18.60
N LYS A 187 21.83 -12.10 17.90
CA LYS A 187 22.14 -10.85 17.22
C LYS A 187 20.85 -10.01 17.23
N GLU A 188 20.93 -8.77 17.72
CA GLU A 188 19.74 -7.92 17.79
C GLU A 188 19.00 -7.65 16.49
N HIS A 189 19.71 -7.13 15.49
CA HIS A 189 19.14 -6.80 14.17
C HIS A 189 17.61 -6.84 13.96
N PRO A 190 17.08 -5.81 13.28
CA PRO A 190 15.64 -5.68 12.99
C PRO A 190 14.98 -6.88 12.28
N ARG A 191 15.75 -7.70 11.57
CA ARG A 191 15.14 -8.83 10.88
C ARG A 191 15.17 -10.15 11.65
N ASN A 192 15.88 -10.18 12.76
CA ASN A 192 15.94 -11.39 13.58
C ASN A 192 14.69 -11.51 14.45
N LYS A 193 14.37 -12.72 14.88
CA LYS A 193 13.19 -12.94 15.70
C LYS A 193 13.52 -13.27 17.16
N SER A 194 12.70 -12.75 18.07
CA SER A 194 12.87 -12.98 19.51
C SER A 194 12.46 -14.40 19.88
N ASP A 195 12.89 -14.86 21.06
CA ASP A 195 12.55 -16.19 21.52
C ASP A 195 11.04 -16.30 21.64
N GLU A 196 10.42 -15.27 22.20
CA GLU A 196 8.97 -15.24 22.36
C GLU A 196 8.30 -15.42 21.00
N GLU A 197 8.85 -14.77 19.98
CA GLU A 197 8.31 -14.85 18.64
C GLU A 197 8.43 -16.25 18.05
N LEU A 198 9.62 -16.83 18.18
CA LEU A 198 9.88 -18.16 17.66
C LEU A 198 9.01 -19.19 18.36
N LYS A 199 8.74 -18.98 19.63
CA LYS A 199 7.92 -19.91 20.39
C LYS A 199 6.46 -19.76 20.02
N PHE A 200 6.07 -18.52 19.74
CA PHE A 200 4.69 -18.22 19.37
C PHE A 200 4.29 -18.79 18.02
N ILE A 201 5.20 -18.78 17.05
CA ILE A 201 4.86 -19.29 15.73
C ILE A 201 4.86 -20.81 15.71
N ALA A 202 5.69 -21.43 16.54
CA ALA A 202 5.73 -22.89 16.59
C ALA A 202 4.49 -23.41 17.33
N ASP A 203 4.10 -22.72 18.41
CA ASP A 203 2.93 -23.13 19.18
C ASP A 203 1.68 -23.14 18.32
N HIS A 204 1.62 -22.24 17.34
CA HIS A 204 0.48 -22.15 16.45
C HIS A 204 0.67 -22.99 15.18
N GLY A 205 1.42 -24.08 15.31
CA GLY A 205 1.65 -24.97 14.19
C GLY A 205 2.49 -24.39 13.08
N GLY A 206 3.24 -23.33 13.39
CA GLY A 206 4.08 -22.69 12.39
C GLY A 206 5.37 -23.41 12.06
N PHE A 207 6.10 -22.86 11.08
CA PHE A 207 7.36 -23.45 10.64
C PHE A 207 8.42 -22.37 10.62
N VAL A 208 9.68 -22.75 10.78
CA VAL A 208 10.77 -21.79 10.77
C VAL A 208 12.01 -22.26 10.04
N GLY A 209 12.36 -21.57 8.96
CA GLY A 209 13.55 -21.90 8.20
C GLY A 209 14.66 -20.97 8.66
N VAL A 210 15.74 -21.55 9.19
CA VAL A 210 16.87 -20.75 9.67
C VAL A 210 17.77 -20.36 8.51
N THR A 211 18.15 -19.08 8.46
CA THR A 211 19.00 -18.55 7.40
C THR A 211 20.45 -18.38 7.86
N MSE A 212 21.32 -17.99 6.92
CA MSE A 212 22.73 -17.80 7.22
C MSE A 212 23.30 -16.47 6.71
O MSE A 212 24.51 -16.34 6.53
CB MSE A 212 23.53 -18.95 6.60
CG MSE A 212 23.30 -19.10 5.11
SE MSE A 212 24.51 -20.33 4.27
CE MSE A 212 23.40 -21.91 4.29
N PHE A 213 22.44 -15.49 6.48
CA PHE A 213 22.89 -14.21 5.98
C PHE A 213 23.86 -13.52 6.95
N ALA A 214 25.09 -13.32 6.50
CA ALA A 214 26.14 -12.70 7.29
C ALA A 214 25.68 -11.58 8.23
N PRO A 215 25.13 -10.50 7.67
CA PRO A 215 24.65 -9.35 8.46
C PRO A 215 23.89 -9.70 9.73
N PHE A 216 23.06 -10.75 9.67
CA PHE A 216 22.25 -11.16 10.81
C PHE A 216 22.85 -12.22 11.74
N LEU A 217 24.10 -12.59 11.52
CA LEU A 217 24.75 -13.59 12.36
C LEU A 217 25.55 -12.92 13.47
N LYS A 218 25.60 -13.58 14.63
CA LYS A 218 26.32 -13.04 15.78
C LYS A 218 27.76 -12.66 15.44
N LYS A 219 28.45 -13.48 14.66
CA LYS A 219 29.83 -13.19 14.30
C LYS A 219 29.97 -12.53 12.93
N GLY A 220 28.89 -12.48 12.17
CA GLY A 220 28.92 -11.84 10.86
C GLY A 220 29.80 -12.46 9.79
N ILE A 221 30.63 -11.63 9.18
CA ILE A 221 31.53 -12.06 8.12
C ILE A 221 32.64 -12.99 8.61
N ASP A 222 32.68 -13.22 9.93
CA ASP A 222 33.67 -14.10 10.52
C ASP A 222 33.03 -15.42 10.93
N SER A 223 31.77 -15.59 10.56
CA SER A 223 31.03 -16.79 10.90
C SER A 223 31.50 -17.98 10.06
N THR A 224 31.29 -19.17 10.61
CA THR A 224 31.68 -20.40 9.93
C THR A 224 30.47 -21.32 9.84
N ILE A 225 30.62 -22.40 9.08
CA ILE A 225 29.55 -23.36 8.90
C ILE A 225 28.99 -23.77 10.26
N ASP A 226 29.87 -23.85 11.26
CA ASP A 226 29.49 -24.23 12.63
C ASP A 226 28.63 -23.19 13.34
N ASP A 227 28.90 -21.92 13.08
CA ASP A 227 28.13 -20.85 13.69
C ASP A 227 26.70 -20.90 13.19
N TYR A 228 26.52 -21.50 12.01
CA TYR A 228 25.20 -21.64 11.42
C TYR A 228 24.47 -22.77 12.13
N ALA A 229 25.15 -23.90 12.31
CA ALA A 229 24.55 -25.03 13.01
C ALA A 229 24.16 -24.55 14.41
N GLU A 230 24.99 -23.71 15.00
CA GLU A 230 24.74 -23.18 16.33
C GLU A 230 23.39 -22.48 16.37
N ALA A 231 23.15 -21.62 15.38
CA ALA A 231 21.90 -20.89 15.32
C ALA A 231 20.75 -21.85 15.03
N ILE A 232 21.00 -22.86 14.21
CA ILE A 232 19.96 -23.84 13.88
C ILE A 232 19.58 -24.67 15.10
N GLU A 233 20.53 -24.86 16.01
CA GLU A 233 20.27 -25.62 17.21
C GLU A 233 19.56 -24.75 18.24
N TYR A 234 19.90 -23.46 18.25
CA TYR A 234 19.28 -22.51 19.19
C TYR A 234 17.80 -22.46 18.88
N VAL A 235 17.47 -22.36 17.59
CA VAL A 235 16.09 -22.27 17.15
C VAL A 235 15.33 -23.56 17.41
N MSE A 236 15.97 -24.69 17.13
CA MSE A 236 15.33 -25.97 17.36
C MSE A 236 15.07 -26.18 18.84
O MSE A 236 14.22 -26.99 19.22
CB MSE A 236 16.19 -27.11 16.80
CG MSE A 236 15.52 -28.46 16.91
SE MSE A 236 16.50 -29.86 16.04
CE MSE A 236 17.72 -30.28 17.48
N ASN A 237 15.81 -25.48 19.68
CA ASN A 237 15.64 -25.58 21.12
C ASN A 237 14.31 -24.97 21.57
N ILE A 238 13.77 -24.05 20.77
CA ILE A 238 12.51 -23.39 21.08
C ILE A 238 11.38 -23.94 20.23
N VAL A 239 11.63 -24.01 18.93
CA VAL A 239 10.67 -24.51 17.93
C VAL A 239 10.37 -26.01 17.97
N GLY A 240 11.38 -26.83 18.21
CA GLY A 240 11.17 -28.26 18.23
C GLY A 240 11.63 -28.88 16.92
N GLU A 241 11.86 -30.20 16.91
CA GLU A 241 12.34 -30.86 15.71
C GLU A 241 11.35 -31.02 14.57
N ASP A 242 10.11 -30.61 14.76
CA ASP A 242 9.13 -30.76 13.69
C ASP A 242 8.77 -29.45 12.97
N ALA A 243 9.22 -28.32 13.51
CA ALA A 243 8.92 -27.03 12.89
C ALA A 243 10.15 -26.23 12.46
N ILE A 244 11.26 -26.92 12.17
CA ILE A 244 12.49 -26.25 11.77
C ILE A 244 13.02 -26.76 10.44
N GLY A 245 13.61 -25.86 9.66
CA GLY A 245 14.16 -26.23 8.36
C GLY A 245 15.22 -25.25 7.90
N ILE A 246 15.68 -25.42 6.66
CA ILE A 246 16.70 -24.55 6.10
C ILE A 246 16.16 -23.50 5.13
N GLY A 247 16.74 -22.30 5.22
CA GLY A 247 16.39 -21.18 4.35
C GLY A 247 17.65 -20.34 4.18
N THR A 248 18.65 -20.90 3.51
CA THR A 248 19.95 -20.25 3.31
C THR A 248 19.92 -18.78 2.91
N ASP A 249 19.09 -18.44 1.93
CA ASP A 249 19.02 -17.07 1.48
C ASP A 249 20.23 -16.83 0.57
N PHE A 250 20.56 -17.82 -0.24
CA PHE A 250 21.69 -17.71 -1.18
C PHE A 250 21.43 -16.61 -2.22
N THR A 251 22.40 -15.71 -2.37
CA THR A 251 22.30 -14.61 -3.33
C THR A 251 23.33 -14.81 -4.44
N GLN A 252 23.75 -16.06 -4.60
CA GLN A 252 24.76 -16.45 -5.57
C GLN A 252 24.66 -15.83 -6.97
N GLY A 253 25.72 -15.13 -7.35
CA GLY A 253 25.79 -14.51 -8.66
C GLY A 253 25.41 -13.04 -8.75
N HIS A 254 24.75 -12.53 -7.72
CA HIS A 254 24.34 -11.13 -7.74
C HIS A 254 25.44 -10.17 -7.38
N GLY A 255 25.28 -8.91 -7.80
CA GLY A 255 26.28 -7.90 -7.52
C GLY A 255 25.81 -6.68 -6.74
N HIS A 256 26.53 -5.58 -6.94
CA HIS A 256 26.28 -4.30 -6.29
C HIS A 256 24.89 -3.71 -6.51
N ASP A 257 24.49 -3.60 -7.77
CA ASP A 257 23.19 -3.04 -8.12
C ASP A 257 22.07 -3.79 -7.40
N PHE A 258 22.19 -5.11 -7.34
CA PHE A 258 21.20 -5.98 -6.70
C PHE A 258 21.02 -5.70 -5.22
N PHE A 259 22.12 -5.51 -4.50
CA PHE A 259 22.05 -5.23 -3.07
C PHE A 259 21.51 -3.85 -2.77
N GLU A 260 21.92 -2.86 -3.56
CA GLU A 260 21.43 -1.50 -3.35
C GLU A 260 19.93 -1.49 -3.57
N TRP A 261 19.48 -2.33 -4.50
CA TRP A 261 18.07 -2.47 -4.85
C TRP A 261 17.28 -3.08 -3.71
N LEU A 262 17.92 -3.98 -2.98
CA LEU A 262 17.30 -4.63 -1.85
C LEU A 262 17.31 -3.71 -0.63
N THR A 263 18.25 -2.77 -0.56
CA THR A 263 18.34 -1.89 0.60
C THR A 263 17.65 -0.52 0.56
N HIS A 264 17.11 -0.14 -0.59
CA HIS A 264 16.40 1.14 -0.68
C HIS A 264 14.92 0.84 -0.85
N ASP A 265 14.06 1.58 -0.14
CA ASP A 265 12.62 1.36 -0.23
C ASP A 265 12.15 1.39 -1.70
N LYS A 266 11.33 0.42 -2.08
CA LYS A 266 10.81 0.33 -3.45
C LYS A 266 11.92 -0.02 -4.42
N GLY A 267 13.11 -0.29 -3.88
CA GLY A 267 14.24 -0.63 -4.72
C GLY A 267 14.98 0.58 -5.24
N TYR A 268 14.54 1.79 -4.87
CA TYR A 268 15.19 3.00 -5.35
C TYR A 268 15.09 4.21 -4.42
N ALA A 269 14.13 4.20 -3.51
CA ALA A 269 13.94 5.34 -2.60
C ALA A 269 14.96 5.43 -1.47
N ARG A 270 14.54 5.98 -0.35
CA ARG A 270 15.41 6.15 0.80
C ARG A 270 16.13 4.87 1.24
N ARG A 271 17.29 5.04 1.86
CA ARG A 271 18.06 3.90 2.34
C ARG A 271 17.41 3.33 3.60
N LEU A 272 17.04 2.06 3.54
CA LEU A 272 16.42 1.38 4.68
C LEU A 272 17.47 0.76 5.59
N THR A 273 18.60 0.36 5.01
CA THR A 273 19.66 -0.26 5.79
C THR A 273 20.92 -0.40 4.96
N ASN A 274 21.95 -0.96 5.58
CA ASN A 274 23.23 -1.20 4.93
C ASN A 274 23.75 -2.52 5.47
N PHE A 275 23.80 -3.54 4.61
CA PHE A 275 24.27 -4.85 5.00
C PHE A 275 25.77 -4.90 5.20
N GLY A 276 26.49 -4.24 4.29
CA GLY A 276 27.94 -4.25 4.36
C GLY A 276 28.42 -5.38 3.46
N LYS A 277 29.65 -5.83 3.66
CA LYS A 277 30.22 -6.91 2.88
C LYS A 277 29.35 -8.16 2.96
N ILE A 278 29.17 -8.83 1.83
CA ILE A 278 28.36 -10.05 1.78
C ILE A 278 29.28 -11.27 1.76
N VAL A 279 29.48 -11.87 2.92
CA VAL A 279 30.33 -13.04 3.03
C VAL A 279 29.58 -14.15 3.73
N ASN A 280 29.28 -15.23 3.01
CA ASN A 280 28.56 -16.34 3.61
C ASN A 280 29.49 -17.08 4.57
N PRO A 281 28.92 -17.79 5.55
CA PRO A 281 29.76 -18.54 6.50
C PRO A 281 30.73 -19.46 5.78
N LEU A 282 31.95 -19.56 6.30
CA LEU A 282 32.96 -20.40 5.70
C LEU A 282 32.56 -21.86 5.85
N GLY A 283 32.57 -22.58 4.74
CA GLY A 283 32.18 -23.98 4.77
C GLY A 283 30.91 -24.16 3.95
N ILE A 284 30.25 -23.05 3.64
CA ILE A 284 29.02 -23.10 2.83
C ILE A 284 28.78 -21.76 2.13
N ARG A 285 29.76 -21.37 1.31
CA ARG A 285 29.72 -20.12 0.56
C ARG A 285 28.96 -20.26 -0.77
N THR A 286 28.81 -21.48 -1.26
CA THR A 286 28.10 -21.72 -2.51
C THR A 286 27.09 -22.85 -2.36
N VAL A 287 26.04 -22.81 -3.18
CA VAL A 287 25.01 -23.82 -3.15
C VAL A 287 25.61 -25.21 -3.26
N GLY A 288 26.59 -25.37 -4.15
CA GLY A 288 27.23 -26.65 -4.34
C GLY A 288 27.87 -27.25 -3.09
N GLU A 289 27.88 -26.49 -2.01
CA GLU A 289 28.46 -26.96 -0.76
C GLU A 289 27.43 -27.40 0.26
N PHE A 290 26.15 -27.38 -0.13
CA PHE A 290 25.05 -27.77 0.76
C PHE A 290 25.38 -29.00 1.64
N PRO A 291 25.94 -30.06 1.03
CA PRO A 291 26.27 -31.26 1.80
C PRO A 291 27.15 -31.10 3.05
N ASN A 292 27.83 -29.97 3.20
CA ASN A 292 28.67 -29.75 4.36
C ASN A 292 27.81 -29.47 5.59
N LEU A 293 26.55 -29.12 5.34
CA LEU A 293 25.62 -28.80 6.41
C LEU A 293 25.06 -30.08 7.02
N THR A 294 24.94 -31.12 6.19
CA THR A 294 24.45 -32.40 6.67
C THR A 294 25.55 -33.02 7.51
N GLU A 295 26.77 -32.99 6.96
CA GLU A 295 27.92 -33.54 7.66
C GLU A 295 28.16 -32.81 8.97
N THR A 296 28.07 -31.48 8.96
CA THR A 296 28.29 -30.70 10.16
C THR A 296 27.27 -31.02 11.25
N LEU A 297 26.01 -30.69 11.00
CA LEU A 297 24.96 -30.98 11.98
C LEU A 297 25.11 -32.41 12.50
N LEU A 298 25.48 -33.30 11.59
CA LEU A 298 25.66 -34.71 11.90
C LEU A 298 26.82 -34.93 12.88
N LYS A 299 27.98 -34.40 12.56
CA LYS A 299 29.15 -34.56 13.42
C LYS A 299 29.05 -33.65 14.63
N ARG A 300 27.86 -33.08 14.81
CA ARG A 300 27.63 -32.17 15.92
C ARG A 300 26.75 -32.75 17.02
N GLY A 301 26.35 -34.01 16.87
CA GLY A 301 25.53 -34.65 17.88
C GLY A 301 24.10 -34.97 17.46
N MSE A 302 23.58 -34.21 16.50
CA MSE A 302 22.22 -34.43 16.02
C MSE A 302 22.12 -35.79 15.34
O MSE A 302 22.89 -36.11 14.45
CB MSE A 302 21.85 -33.30 15.03
CG MSE A 302 20.38 -33.18 14.72
SE MSE A 302 19.97 -31.65 13.57
CE MSE A 302 20.28 -30.23 14.85
N PRO A 303 21.17 -36.63 15.78
CA PRO A 303 20.99 -37.97 15.19
C PRO A 303 20.48 -37.91 13.75
N GLU A 304 20.68 -39.01 13.01
CA GLU A 304 20.27 -39.08 11.60
C GLU A 304 18.83 -38.62 11.34
N ARG A 305 17.89 -39.19 12.09
CA ARG A 305 16.47 -38.89 11.93
C ARG A 305 16.14 -37.40 12.00
N VAL A 306 16.72 -36.71 12.98
CA VAL A 306 16.46 -35.28 13.10
C VAL A 306 17.08 -34.57 11.90
N VAL A 307 18.28 -34.98 11.52
CA VAL A 307 18.95 -34.37 10.37
C VAL A 307 18.05 -34.44 9.12
N ARG A 308 17.48 -35.62 8.83
CA ARG A 308 16.61 -35.75 7.67
C ARG A 308 15.58 -34.64 7.75
N LYS A 309 15.07 -34.42 8.96
CA LYS A 309 14.06 -33.39 9.22
C LYS A 309 14.53 -32.02 8.78
N VAL A 310 15.53 -31.51 9.49
CA VAL A 310 16.07 -30.19 9.22
C VAL A 310 16.52 -29.97 7.79
N MSE A 311 17.00 -31.02 7.13
CA MSE A 311 17.46 -30.84 5.76
C MSE A 311 16.35 -30.77 4.72
O MSE A 311 16.58 -30.28 3.61
CB MSE A 311 18.48 -31.92 5.38
CG MSE A 311 19.80 -31.82 6.14
SE MSE A 311 20.58 -30.03 6.17
CE MSE A 311 21.03 -29.86 4.30
N GLY A 312 15.15 -31.25 5.05
CA GLY A 312 14.08 -31.20 4.07
C GLY A 312 12.74 -31.81 4.42
N GLU A 313 12.75 -33.00 5.02
CA GLU A 313 11.49 -33.66 5.39
C GLU A 313 10.47 -32.73 6.03
N ASN A 314 10.91 -31.89 6.95
CA ASN A 314 10.01 -30.97 7.63
C ASN A 314 9.35 -29.98 6.65
N TRP A 315 10.13 -29.48 5.69
CA TRP A 315 9.57 -28.54 4.72
C TRP A 315 8.48 -29.22 3.92
N VAL A 316 8.72 -30.47 3.55
CA VAL A 316 7.75 -31.22 2.77
C VAL A 316 6.43 -31.41 3.51
N ARG A 317 6.50 -31.75 4.80
CA ARG A 317 5.31 -31.96 5.61
C ARG A 317 4.40 -30.73 5.74
N VAL A 318 4.98 -29.55 5.88
CA VAL A 318 4.19 -28.33 6.00
C VAL A 318 3.61 -27.90 4.65
N LEU A 319 4.39 -28.05 3.59
CA LEU A 319 3.94 -27.69 2.26
C LEU A 319 2.80 -28.62 1.87
N ARG A 320 2.86 -29.86 2.36
CA ARG A 320 1.82 -30.83 2.06
C ARG A 320 0.55 -30.38 2.78
N ASP A 321 0.73 -29.92 4.01
CA ASP A 321 -0.38 -29.44 4.82
C ASP A 321 -1.05 -28.26 4.12
N VAL A 322 -0.27 -27.22 3.85
CA VAL A 322 -0.79 -26.00 3.22
C VAL A 322 -1.37 -26.13 1.80
N TRP A 323 -0.82 -27.00 0.96
CA TRP A 323 -1.36 -27.15 -0.39
C TRP A 323 -2.43 -28.24 -0.47
N GLY A 324 -2.66 -28.97 0.63
CA GLY A 324 -3.65 -30.04 0.62
C GLY A 324 -3.15 -31.07 -0.38
N GLU A 325 -2.19 -30.63 -1.18
CA GLU A 325 -1.55 -31.40 -2.23
C GLU A 325 -0.25 -31.97 -1.65
N LEU B 1 -25.38 45.37 -2.44
CA LEU B 1 -25.58 44.33 -3.50
C LEU B 1 -26.56 43.25 -3.05
N SER B 2 -27.50 42.91 -3.92
CA SER B 2 -28.46 41.86 -3.59
C SER B 2 -27.71 40.54 -3.71
N PRO B 3 -28.09 39.53 -2.92
CA PRO B 3 -27.41 38.23 -2.98
C PRO B 3 -27.14 37.72 -4.40
N ALA B 4 -27.97 38.15 -5.35
CA ALA B 4 -27.82 37.73 -6.74
C ALA B 4 -26.65 38.45 -7.38
N GLU B 5 -26.60 39.77 -7.21
CA GLU B 5 -25.53 40.56 -7.76
C GLU B 5 -24.21 40.13 -7.13
N LEU B 6 -24.26 39.82 -5.83
CA LEU B 6 -23.08 39.41 -5.07
C LEU B 6 -22.49 38.10 -5.61
N HIS B 7 -23.31 37.07 -5.68
CA HIS B 7 -22.84 35.78 -6.17
C HIS B 7 -22.20 35.95 -7.56
N ALA B 8 -22.86 36.71 -8.43
CA ALA B 8 -22.35 36.95 -9.78
C ALA B 8 -21.01 37.67 -9.81
N ASP B 9 -20.84 38.63 -8.92
CA ASP B 9 -19.60 39.40 -8.84
C ASP B 9 -18.53 38.69 -8.03
N SER B 10 -18.84 37.50 -7.52
CA SER B 10 -17.90 36.75 -6.70
C SER B 10 -17.19 35.59 -7.38
N ILE B 11 -16.01 35.25 -6.83
CA ILE B 11 -15.23 34.13 -7.32
C ILE B 11 -15.70 32.91 -6.51
N VAL B 12 -16.69 32.18 -7.02
CA VAL B 12 -17.17 31.02 -6.29
C VAL B 12 -16.38 29.79 -6.70
N ILE B 13 -15.95 29.04 -5.70
CA ILE B 13 -15.15 27.84 -5.91
C ILE B 13 -15.61 26.67 -5.06
N ASP B 14 -15.70 25.50 -5.67
CA ASP B 14 -16.13 24.30 -4.95
C ASP B 14 -14.92 23.42 -4.67
N GLY B 15 -14.64 23.22 -3.38
CA GLY B 15 -13.51 22.40 -2.99
C GLY B 15 -13.54 20.97 -3.46
N LEU B 16 -14.69 20.47 -3.90
CA LEU B 16 -14.73 19.10 -4.37
C LEU B 16 -15.98 18.63 -5.09
N ILE B 17 -15.86 18.37 -6.39
CA ILE B 17 -16.99 17.85 -7.14
C ILE B 17 -16.56 16.53 -7.76
N ILE B 18 -17.47 15.56 -7.76
CA ILE B 18 -17.18 14.24 -8.31
C ILE B 18 -18.45 13.72 -8.96
N ALA B 19 -18.88 14.40 -10.01
CA ALA B 19 -20.09 14.00 -10.70
C ALA B 19 -19.78 13.43 -12.08
N LYS B 20 -20.82 12.96 -12.77
CA LYS B 20 -20.69 12.39 -14.10
C LYS B 20 -20.46 13.52 -15.10
N TRP B 21 -19.35 13.44 -15.83
CA TRP B 21 -18.99 14.45 -16.81
C TRP B 21 -19.72 14.35 -18.15
N ASN B 22 -20.19 15.50 -18.63
CA ASN B 22 -20.88 15.64 -19.91
C ASN B 22 -21.16 17.12 -20.10
N ARG B 23 -21.75 17.49 -21.23
CA ARG B 23 -22.02 18.90 -21.46
C ARG B 23 -23.14 19.42 -20.56
N GLU B 24 -23.95 18.52 -20.03
CA GLU B 24 -25.04 18.94 -19.16
C GLU B 24 -24.49 19.35 -17.78
N LEU B 25 -23.45 18.66 -17.31
CA LEU B 25 -22.85 18.98 -16.02
C LEU B 25 -22.34 20.40 -16.12
N PHE B 26 -21.52 20.64 -17.13
CA PHE B 26 -21.02 21.98 -17.39
C PHE B 26 -22.36 22.57 -17.75
N GLU B 27 -22.47 23.89 -17.86
CA GLU B 27 -23.77 24.48 -18.20
C GLU B 27 -24.55 24.62 -16.90
N ASP B 28 -24.59 23.55 -16.09
CA ASP B 28 -25.26 23.65 -14.80
C ASP B 28 -24.26 24.39 -13.92
N MSE B 29 -22.97 24.10 -14.12
CA MSE B 29 -21.91 24.77 -13.37
C MSE B 29 -22.03 26.26 -13.72
O MSE B 29 -21.95 27.11 -12.83
CB MSE B 29 -20.52 24.26 -13.79
CG MSE B 29 -20.24 22.78 -13.56
SE MSE B 29 -18.55 22.32 -14.10
CE MSE B 29 -18.00 21.36 -12.71
N ARG B 30 -22.22 26.55 -15.01
CA ARG B 30 -22.36 27.93 -15.46
C ARG B 30 -23.60 28.57 -14.82
N LYS B 31 -24.68 27.79 -14.74
CA LYS B 31 -25.91 28.28 -14.13
C LYS B 31 -25.66 28.65 -12.68
N GLY B 32 -24.81 27.88 -12.01
CA GLY B 32 -24.50 28.16 -10.62
C GLY B 32 -23.52 29.30 -10.42
N GLY B 33 -22.95 29.80 -11.52
CA GLY B 33 -21.98 30.88 -11.42
C GLY B 33 -20.66 30.38 -10.86
N LEU B 34 -20.42 29.08 -11.03
CA LEU B 34 -19.21 28.45 -10.54
C LEU B 34 -18.00 28.94 -11.29
N THR B 35 -17.04 29.53 -10.59
CA THR B 35 -15.84 30.04 -11.24
C THR B 35 -14.86 28.89 -11.51
N ALA B 36 -14.52 28.14 -10.46
CA ALA B 36 -13.61 27.00 -10.61
C ALA B 36 -13.99 25.87 -9.65
N ALA B 37 -13.62 24.64 -9.99
CA ALA B 37 -13.97 23.52 -9.14
C ALA B 37 -12.97 22.37 -9.13
N ASN B 38 -12.71 21.83 -7.94
CA ASN B 38 -11.78 20.70 -7.82
C ASN B 38 -12.55 19.47 -8.25
N CYS B 39 -12.19 18.92 -9.41
CA CYS B 39 -12.85 17.74 -9.95
C CYS B 39 -11.98 16.49 -9.81
N THR B 40 -12.55 15.46 -9.20
CA THR B 40 -11.84 14.21 -8.99
C THR B 40 -11.73 13.33 -10.22
N VAL B 41 -10.51 12.88 -10.52
CA VAL B 41 -10.28 11.99 -11.66
C VAL B 41 -9.62 10.68 -11.22
N SER B 42 -9.60 10.44 -9.90
CA SER B 42 -9.01 9.22 -9.37
C SER B 42 -9.44 8.97 -7.91
N VAL B 43 -9.75 7.71 -7.59
CA VAL B 43 -10.14 7.37 -6.23
C VAL B 43 -9.67 5.97 -5.85
N TRP B 44 -9.77 5.01 -6.77
CA TRP B 44 -9.33 3.65 -6.50
C TRP B 44 -8.28 3.17 -7.52
N GLU B 45 -8.21 3.83 -8.67
CA GLU B 45 -7.27 3.45 -9.72
C GLU B 45 -5.80 3.85 -9.51
N GLY B 46 -4.90 3.09 -10.13
CA GLY B 46 -3.47 3.36 -10.03
C GLY B 46 -3.00 4.34 -11.10
N PHE B 47 -1.69 4.40 -11.34
CA PHE B 47 -1.11 5.32 -12.34
C PHE B 47 -1.86 5.32 -13.67
N GLN B 48 -1.49 4.40 -14.56
CA GLN B 48 -2.19 4.32 -15.83
C GLN B 48 -3.59 3.91 -15.41
N ALA B 49 -4.58 4.59 -15.96
CA ALA B 49 -6.00 4.38 -15.65
C ALA B 49 -6.40 5.76 -15.15
N THR B 50 -5.62 6.30 -14.23
CA THR B 50 -5.89 7.64 -13.74
C THR B 50 -5.56 8.51 -14.94
N VAL B 51 -4.46 8.18 -15.61
CA VAL B 51 -4.02 8.91 -16.78
C VAL B 51 -5.10 8.82 -17.85
N ASN B 52 -5.76 7.66 -17.94
CA ASN B 52 -6.83 7.51 -18.92
C ASN B 52 -7.98 8.45 -18.54
N ASN B 53 -8.24 8.53 -17.24
CA ASN B 53 -9.29 9.41 -16.76
C ASN B 53 -8.94 10.84 -17.19
N ILE B 54 -7.65 11.16 -17.13
CA ILE B 54 -7.19 12.47 -17.48
C ILE B 54 -7.31 12.74 -18.99
N THR B 55 -6.91 11.80 -19.84
CA THR B 55 -7.03 12.05 -21.27
C THR B 55 -8.51 12.14 -21.66
N ALA B 56 -9.38 11.41 -20.96
CA ALA B 56 -10.81 11.48 -21.26
C ALA B 56 -11.37 12.82 -20.78
N SER B 57 -10.85 13.32 -19.67
CA SER B 57 -11.29 14.62 -19.15
C SER B 57 -10.88 15.71 -20.14
N ASN B 58 -9.61 15.73 -20.50
CA ASN B 58 -9.09 16.72 -21.46
C ASN B 58 -9.92 16.74 -22.74
N LYS B 59 -10.44 15.57 -23.12
CA LYS B 59 -11.26 15.44 -24.31
C LYS B 59 -12.53 16.27 -24.11
N LEU B 60 -13.17 16.10 -22.95
CA LEU B 60 -14.39 16.83 -22.66
C LEU B 60 -14.15 18.32 -22.57
N ILE B 61 -13.06 18.72 -21.90
CA ILE B 61 -12.73 20.13 -21.77
C ILE B 61 -12.63 20.70 -23.18
N ARG B 62 -11.82 20.05 -24.00
CA ARG B 62 -11.62 20.49 -25.37
C ARG B 62 -12.91 20.58 -26.19
N ASP B 63 -13.76 19.58 -26.10
CA ASP B 63 -15.01 19.58 -26.85
C ASP B 63 -16.09 20.51 -26.30
N ASN B 64 -15.84 21.08 -25.12
CA ASN B 64 -16.78 22.00 -24.50
C ASN B 64 -16.01 23.17 -23.93
N SER B 65 -15.05 23.66 -24.70
CA SER B 65 -14.19 24.77 -24.29
C SER B 65 -14.88 26.14 -24.27
N ASP B 66 -16.15 26.16 -24.64
CA ASP B 66 -16.89 27.41 -24.64
C ASP B 66 -17.50 27.60 -23.27
N LEU B 67 -17.43 26.53 -22.47
CA LEU B 67 -18.00 26.51 -21.13
C LEU B 67 -16.95 26.32 -20.06
N VAL B 68 -15.88 25.60 -20.40
CA VAL B 68 -14.85 25.31 -19.41
C VAL B 68 -13.41 25.42 -19.92
N ILE B 69 -12.48 25.56 -18.98
CA ILE B 69 -11.05 25.67 -19.30
C ILE B 69 -10.26 25.04 -18.14
N PRO B 70 -9.01 24.64 -18.41
CA PRO B 70 -8.20 24.03 -17.36
C PRO B 70 -7.70 25.04 -16.33
N VAL B 71 -7.63 24.62 -15.08
CA VAL B 71 -7.13 25.50 -14.04
C VAL B 71 -5.84 24.88 -13.52
N ARG B 72 -4.72 25.55 -13.77
CA ARG B 72 -3.41 25.10 -13.31
C ARG B 72 -2.82 26.08 -12.31
N SER B 73 -3.21 27.34 -12.41
CA SER B 73 -2.74 28.38 -11.50
C SER B 73 -3.90 29.26 -11.10
N THR B 74 -3.77 30.02 -10.00
CA THR B 74 -4.86 30.88 -9.57
C THR B 74 -5.19 31.88 -10.67
N ALA B 75 -4.22 32.11 -11.56
CA ALA B 75 -4.43 33.01 -12.68
C ALA B 75 -5.49 32.41 -13.62
N ASP B 76 -5.46 31.09 -13.78
CA ASP B 76 -6.45 30.42 -14.63
C ASP B 76 -7.84 30.59 -14.03
N ILE B 77 -7.90 30.79 -12.72
CA ILE B 77 -9.15 30.98 -12.01
C ILE B 77 -9.75 32.34 -12.38
N ARG B 78 -8.93 33.37 -12.39
CA ARG B 78 -9.39 34.71 -12.75
C ARG B 78 -9.80 34.70 -14.23
N LYS B 79 -9.01 34.00 -15.05
CA LYS B 79 -9.28 33.92 -16.48
C LYS B 79 -10.70 33.43 -16.76
N ALA B 80 -11.17 32.50 -15.94
CA ALA B 80 -12.50 31.93 -16.10
C ALA B 80 -13.55 32.98 -15.77
N LYS B 81 -13.34 33.71 -14.69
CA LYS B 81 -14.29 34.73 -14.30
C LYS B 81 -14.36 35.80 -15.40
N GLU B 82 -13.23 36.08 -16.02
CA GLU B 82 -13.20 37.08 -17.07
C GLU B 82 -13.98 36.60 -18.30
N GLN B 83 -13.78 35.34 -18.65
CA GLN B 83 -14.43 34.77 -19.81
C GLN B 83 -15.77 34.11 -19.53
N GLY B 84 -16.24 34.23 -18.29
CA GLY B 84 -17.51 33.62 -17.95
C GLY B 84 -17.55 32.13 -18.24
N LYS B 85 -16.53 31.41 -17.76
CA LYS B 85 -16.47 29.97 -17.95
C LYS B 85 -16.10 29.35 -16.61
N THR B 86 -16.17 28.03 -16.53
CA THR B 86 -15.84 27.34 -15.30
C THR B 86 -14.52 26.59 -15.41
N GLY B 87 -13.54 27.05 -14.66
CA GLY B 87 -12.24 26.39 -14.68
C GLY B 87 -12.33 25.06 -13.98
N ILE B 88 -11.71 24.05 -14.57
CA ILE B 88 -11.68 22.71 -13.98
C ILE B 88 -10.30 22.43 -13.43
N LEU B 89 -10.25 22.10 -12.14
CA LEU B 89 -8.99 21.79 -11.45
C LEU B 89 -8.91 20.29 -11.13
N TYR B 90 -8.09 19.57 -11.88
CA TYR B 90 -7.94 18.12 -11.66
C TYR B 90 -7.40 17.76 -10.29
N GLY B 91 -8.14 16.90 -9.57
CA GLY B 91 -7.70 16.46 -8.25
C GLY B 91 -7.82 14.95 -8.04
N PHE B 92 -7.01 14.41 -7.13
CA PHE B 92 -7.06 12.99 -6.80
C PHE B 92 -7.62 12.84 -5.39
N GLN B 93 -8.31 11.74 -5.12
CA GLN B 93 -8.83 11.50 -3.79
C GLN B 93 -8.09 10.32 -3.15
N ASN B 94 -6.99 9.94 -3.78
CA ASN B 94 -6.18 8.84 -3.30
C ASN B 94 -4.80 8.91 -3.92
N ALA B 95 -3.76 8.80 -3.09
CA ALA B 95 -2.40 8.86 -3.59
C ALA B 95 -2.00 7.56 -4.29
N HIS B 96 -2.91 6.58 -4.28
CA HIS B 96 -2.67 5.29 -4.91
C HIS B 96 -2.23 5.44 -6.37
N ALA B 97 -2.59 6.55 -6.99
CA ALA B 97 -2.23 6.78 -8.39
C ALA B 97 -0.72 6.94 -8.55
N PHE B 98 -0.03 7.33 -7.48
CA PHE B 98 1.42 7.49 -7.52
C PHE B 98 2.06 6.11 -7.44
N GLU B 99 1.26 5.10 -7.12
CA GLU B 99 1.78 3.75 -6.98
C GLU B 99 3.02 3.82 -6.09
N ASP B 100 4.17 3.38 -6.61
CA ASP B 100 5.40 3.42 -5.84
C ASP B 100 6.46 4.28 -6.52
N GLN B 101 6.03 5.30 -7.24
CA GLN B 101 6.96 6.18 -7.92
C GLN B 101 6.81 7.62 -7.44
N ILE B 102 7.84 8.11 -6.76
CA ILE B 102 7.83 9.48 -6.27
C ILE B 102 7.92 10.42 -7.47
N GLY B 103 8.40 9.89 -8.59
CA GLY B 103 8.51 10.68 -9.81
C GLY B 103 7.17 10.95 -10.47
N TYR B 104 6.14 10.18 -10.11
CA TYR B 104 4.82 10.37 -10.69
C TYR B 104 4.16 11.65 -10.18
N VAL B 105 4.58 12.10 -9.00
CA VAL B 105 4.03 13.31 -8.42
C VAL B 105 4.24 14.44 -9.43
N GLU B 106 5.49 14.65 -9.85
CA GLU B 106 5.77 15.69 -10.82
C GLU B 106 5.05 15.38 -12.13
N VAL B 107 5.04 14.12 -12.51
CA VAL B 107 4.39 13.69 -13.75
C VAL B 107 2.96 14.20 -13.82
N PHE B 108 2.20 14.01 -12.75
CA PHE B 108 0.80 14.43 -12.72
C PHE B 108 0.60 15.93 -12.65
N LYS B 109 1.51 16.63 -11.97
CA LYS B 109 1.40 18.08 -11.89
C LYS B 109 1.54 18.63 -13.32
N GLN B 110 2.43 18.01 -14.09
CA GLN B 110 2.65 18.43 -15.47
C GLN B 110 1.43 18.13 -16.33
N LEU B 111 0.59 17.20 -15.86
CA LEU B 111 -0.62 16.83 -16.58
C LEU B 111 -1.82 17.61 -16.07
N GLY B 112 -1.60 18.48 -15.09
CA GLY B 112 -2.68 19.29 -14.57
C GLY B 112 -3.16 19.07 -13.14
N VAL B 113 -2.82 17.94 -12.53
CA VAL B 113 -3.28 17.67 -11.16
C VAL B 113 -2.67 18.67 -10.18
N GLY B 114 -3.52 19.34 -9.41
CA GLY B 114 -3.04 20.32 -8.46
C GLY B 114 -3.41 20.11 -7.01
N ILE B 115 -4.24 19.11 -6.72
CA ILE B 115 -4.65 18.83 -5.35
C ILE B 115 -4.81 17.31 -5.18
N VAL B 116 -4.15 16.73 -4.17
CA VAL B 116 -4.23 15.29 -3.95
C VAL B 116 -4.47 14.84 -2.51
N GLN B 117 -5.39 13.89 -2.36
CA GLN B 117 -5.73 13.32 -1.06
C GLN B 117 -4.76 12.16 -0.79
N MSE B 118 -4.23 12.09 0.43
CA MSE B 118 -3.26 11.05 0.77
C MSE B 118 -3.73 9.60 0.79
O MSE B 118 -2.98 8.70 0.41
CB MSE B 118 -2.60 11.38 2.12
CG MSE B 118 -1.10 11.67 1.99
SE MSE B 118 -0.67 13.15 0.81
CE MSE B 118 -1.79 14.45 1.68
N CYS B 119 -4.97 9.36 1.23
CA CYS B 119 -5.52 8.01 1.29
C CYS B 119 -7.01 8.07 1.06
N TYR B 120 -7.60 6.93 0.75
CA TYR B 120 -9.03 6.89 0.55
C TYR B 120 -9.63 5.76 1.36
N ASN B 121 -10.14 6.09 2.54
CA ASN B 121 -10.79 5.11 3.41
C ASN B 121 -9.93 4.01 4.04
N THR B 122 -9.13 3.29 3.25
CA THR B 122 -8.30 2.22 3.82
C THR B 122 -6.80 2.43 3.67
N GLN B 123 -6.02 1.43 4.08
CA GLN B 123 -4.56 1.53 4.03
C GLN B 123 -4.00 1.77 2.65
N ASN B 124 -2.93 2.57 2.62
CA ASN B 124 -2.24 2.95 1.40
C ASN B 124 -0.78 2.53 1.44
N LEU B 125 0.01 3.14 0.58
CA LEU B 125 1.43 2.89 0.55
C LEU B 125 1.99 4.03 1.38
N VAL B 126 1.21 5.10 1.52
CA VAL B 126 1.63 6.26 2.28
C VAL B 126 0.95 6.41 3.64
N GLY B 127 -0.23 5.81 3.81
CA GLY B 127 -0.90 5.90 5.08
C GLY B 127 -2.16 5.06 5.20
N THR B 128 -3.07 5.51 6.04
CA THR B 128 -4.34 4.84 6.25
C THR B 128 -5.40 5.92 6.34
N GLY B 129 -6.62 5.60 5.91
CA GLY B 129 -7.68 6.58 5.97
C GLY B 129 -8.68 6.25 7.06
N CYS B 130 -9.63 7.16 7.30
CA CYS B 130 -10.64 6.91 8.32
C CYS B 130 -11.27 5.60 7.88
N TYR B 131 -12.04 4.94 8.74
CA TYR B 131 -12.68 3.66 8.39
C TYR B 131 -11.88 2.41 8.73
N GLU B 132 -10.68 2.57 9.31
CA GLU B 132 -9.86 1.42 9.67
C GLU B 132 -8.70 1.83 10.59
N ARG B 133 -8.30 0.92 11.49
CA ARG B 133 -7.19 1.17 12.40
C ARG B 133 -6.09 1.95 11.65
N ASP B 134 -5.87 3.20 12.04
CA ASP B 134 -4.88 4.04 11.37
C ASP B 134 -3.44 3.91 11.85
N GLY B 135 -2.59 3.31 11.03
CA GLY B 135 -1.19 3.13 11.38
C GLY B 135 -0.33 4.38 11.32
N GLY B 136 -0.78 5.40 10.61
CA GLY B 136 -0.01 6.63 10.52
C GLY B 136 0.60 6.83 9.14
N LEU B 137 1.48 7.83 9.04
CA LEU B 137 2.18 8.15 7.81
C LEU B 137 3.48 7.34 7.74
N SER B 138 3.73 6.71 6.60
CA SER B 138 4.93 5.89 6.42
C SER B 138 6.12 6.67 5.84
N GLY B 139 7.27 6.01 5.78
CA GLY B 139 8.46 6.64 5.23
C GLY B 139 8.25 7.02 3.79
N PHE B 140 7.56 6.15 3.04
CA PHE B 140 7.28 6.43 1.65
C PHE B 140 6.33 7.62 1.57
N GLY B 141 5.43 7.73 2.54
CA GLY B 141 4.49 8.84 2.57
C GLY B 141 5.21 10.15 2.85
N ARG B 142 6.15 10.11 3.78
CA ARG B 142 6.89 11.31 4.13
C ARG B 142 7.65 11.80 2.91
N GLU B 143 8.06 10.88 2.04
CA GLU B 143 8.77 11.29 0.84
C GLU B 143 7.79 11.92 -0.14
N ILE B 144 6.61 11.31 -0.25
CA ILE B 144 5.58 11.81 -1.14
C ILE B 144 5.18 13.25 -0.78
N VAL B 145 4.92 13.50 0.50
CA VAL B 145 4.54 14.83 0.97
C VAL B 145 5.63 15.85 0.59
N ALA B 146 6.89 15.49 0.85
CA ALA B 146 8.00 16.38 0.54
C ALA B 146 8.05 16.74 -0.95
N GLU B 147 7.82 15.75 -1.81
CA GLU B 147 7.82 15.97 -3.25
C GLU B 147 6.61 16.81 -3.67
N MSE B 148 5.46 16.51 -3.08
CA MSE B 148 4.24 17.25 -3.37
C MSE B 148 4.48 18.72 -3.00
O MSE B 148 4.09 19.64 -3.72
CB MSE B 148 3.06 16.68 -2.55
CG MSE B 148 2.59 15.30 -3.01
SE MSE B 148 1.21 14.53 -2.11
CE MSE B 148 -0.12 15.55 -2.61
N ASN B 149 5.16 18.93 -1.88
CA ASN B 149 5.44 20.29 -1.44
C ASN B 149 6.31 21.01 -2.46
N ARG B 150 7.30 20.30 -3.00
CA ARG B 150 8.22 20.89 -3.98
C ARG B 150 7.56 21.17 -5.32
N VAL B 151 6.91 20.15 -5.87
CA VAL B 151 6.24 20.24 -7.17
C VAL B 151 5.03 21.16 -7.18
N GLY B 152 4.41 21.35 -6.02
CA GLY B 152 3.24 22.21 -5.96
C GLY B 152 1.92 21.48 -6.09
N ILE B 153 1.72 20.44 -5.28
CA ILE B 153 0.45 19.73 -5.30
C ILE B 153 -0.06 19.70 -3.86
N MSE B 154 -1.16 20.41 -3.64
CA MSE B 154 -1.75 20.49 -2.30
C MSE B 154 -2.23 19.18 -1.71
O MSE B 154 -2.90 18.39 -2.38
CB MSE B 154 -2.88 21.50 -2.31
CG MSE B 154 -3.67 21.50 -1.01
SE MSE B 154 -4.70 23.10 -0.82
CE MSE B 154 -4.51 23.32 1.09
N CYS B 155 -1.91 18.98 -0.44
CA CYS B 155 -2.29 17.79 0.32
C CYS B 155 -3.70 17.90 0.88
N ASP B 156 -4.50 16.87 0.64
CA ASP B 156 -5.89 16.81 1.10
C ASP B 156 -5.97 15.66 2.11
N LEU B 157 -6.80 15.80 3.13
CA LEU B 157 -6.92 14.77 4.16
C LEU B 157 -8.34 14.41 4.58
N SER B 158 -9.34 14.83 3.80
CA SER B 158 -10.73 14.54 4.13
C SER B 158 -11.01 13.08 4.47
N HIS B 159 -10.52 12.16 3.64
CA HIS B 159 -10.74 10.73 3.84
C HIS B 159 -9.56 10.04 4.52
N VAL B 160 -8.68 10.82 5.13
CA VAL B 160 -7.48 10.25 5.75
C VAL B 160 -7.54 9.75 7.19
N GLY B 161 -8.37 10.34 8.04
CA GLY B 161 -8.41 9.83 9.40
C GLY B 161 -7.21 10.17 10.26
N SER B 162 -7.52 10.68 11.45
CA SER B 162 -6.53 11.12 12.43
C SER B 162 -5.44 10.13 12.74
N LYS B 163 -4.20 10.59 12.61
CA LYS B 163 -2.98 9.83 12.85
C LYS B 163 -2.05 10.09 11.70
N THR B 164 -2.37 9.59 10.51
CA THR B 164 -1.50 9.87 9.38
C THR B 164 -1.83 11.31 9.04
N SER B 165 -3.10 11.65 9.26
CA SER B 165 -3.59 12.99 8.99
C SER B 165 -2.78 14.01 9.79
N GLU B 166 -2.81 13.90 11.10
CA GLU B 166 -2.07 14.82 11.95
C GLU B 166 -0.60 14.84 11.56
N GLU B 167 -0.04 13.66 11.29
CA GLU B 167 1.36 13.57 10.91
C GLU B 167 1.65 14.30 9.60
N VAL B 168 0.70 14.26 8.68
CA VAL B 168 0.86 14.96 7.40
C VAL B 168 0.91 16.47 7.65
N ILE B 169 0.02 16.95 8.53
CA ILE B 169 -0.02 18.38 8.85
C ILE B 169 1.30 18.89 9.42
N LEU B 170 1.96 18.07 10.23
CA LEU B 170 3.23 18.46 10.83
C LEU B 170 4.38 18.31 9.86
N GLU B 171 4.33 17.27 9.03
CA GLU B 171 5.38 16.98 8.05
C GLU B 171 5.42 17.99 6.90
N SER B 172 4.25 18.26 6.32
CA SER B 172 4.14 19.20 5.20
C SER B 172 4.66 20.60 5.53
N LYS B 173 5.31 21.23 4.57
CA LYS B 173 5.85 22.59 4.76
C LYS B 173 4.93 23.64 4.14
N LYS B 174 3.85 23.18 3.52
CA LYS B 174 2.86 24.06 2.92
C LYS B 174 1.52 23.75 3.56
N PRO B 175 0.58 24.70 3.50
CA PRO B 175 -0.71 24.43 4.10
C PRO B 175 -1.38 23.22 3.48
N VAL B 176 -2.10 22.45 4.29
CA VAL B 176 -2.83 21.30 3.78
C VAL B 176 -4.32 21.56 4.06
N CYS B 177 -5.20 20.76 3.47
CA CYS B 177 -6.62 21.01 3.66
C CYS B 177 -7.46 19.76 3.88
N TYR B 178 -8.70 20.02 4.28
CA TYR B 178 -9.73 19.01 4.47
C TYR B 178 -10.70 19.58 3.45
N SER B 179 -10.49 19.27 2.17
CA SER B 179 -11.33 19.81 1.10
C SER B 179 -12.83 19.67 1.35
N HIS B 180 -13.27 18.52 1.83
CA HIS B 180 -14.69 18.31 2.08
C HIS B 180 -14.99 17.46 3.31
N CYS B 181 -15.29 18.12 4.43
CA CYS B 181 -15.59 17.41 5.67
C CYS B 181 -16.68 18.12 6.47
N LEU B 182 -17.10 17.50 7.56
CA LEU B 182 -18.14 18.04 8.44
C LEU B 182 -17.75 17.81 9.90
N PRO B 183 -18.16 18.72 10.80
CA PRO B 183 -17.85 18.63 12.24
C PRO B 183 -18.54 17.48 12.95
N SER B 184 -17.76 16.64 13.63
CA SER B 184 -18.33 15.52 14.35
C SER B 184 -19.05 16.01 15.61
N GLY B 185 -18.90 17.30 15.91
CA GLY B 185 -19.56 17.87 17.07
C GLY B 185 -21.06 17.95 16.83
N LEU B 186 -21.47 17.77 15.57
CA LEU B 186 -22.88 17.80 15.21
C LEU B 186 -23.38 16.43 14.79
N LYS B 187 -22.45 15.56 14.36
CA LYS B 187 -22.81 14.23 13.93
C LYS B 187 -21.59 13.29 13.99
N GLU B 188 -21.62 12.34 14.92
CA GLU B 188 -20.55 11.37 15.07
C GLU B 188 -20.50 10.49 13.82
N HIS B 189 -19.31 10.33 13.26
CA HIS B 189 -19.12 9.51 12.08
C HIS B 189 -17.64 9.47 11.73
N PRO B 190 -17.13 8.32 11.28
CA PRO B 190 -15.71 8.20 10.94
C PRO B 190 -15.15 9.26 9.97
N ARG B 191 -15.98 9.80 9.09
CA ARG B 191 -15.55 10.83 8.14
C ARG B 191 -15.54 12.23 8.76
N ASN B 192 -16.24 12.40 9.88
CA ASN B 192 -16.30 13.72 10.50
C ASN B 192 -15.14 13.98 11.44
N LYS B 193 -14.67 15.21 11.44
CA LYS B 193 -13.54 15.64 12.27
C LYS B 193 -14.01 16.29 13.57
N SER B 194 -13.20 16.18 14.61
CA SER B 194 -13.54 16.75 15.92
C SER B 194 -13.15 18.22 15.99
N ASP B 195 -13.48 18.86 17.10
CA ASP B 195 -13.15 20.26 17.28
C ASP B 195 -11.65 20.40 17.49
N GLU B 196 -11.05 19.38 18.08
CA GLU B 196 -9.62 19.38 18.34
C GLU B 196 -8.88 19.22 17.03
N GLU B 197 -9.43 18.42 16.13
CA GLU B 197 -8.80 18.21 14.83
C GLU B 197 -8.97 19.45 13.95
N LEU B 198 -10.14 20.08 14.04
CA LEU B 198 -10.39 21.28 13.27
C LEU B 198 -9.54 22.46 13.76
N LYS B 199 -9.40 22.61 15.06
CA LYS B 199 -8.60 23.72 15.58
C LYS B 199 -7.15 23.45 15.21
N PHE B 200 -6.74 22.19 15.34
CA PHE B 200 -5.38 21.80 15.05
C PHE B 200 -5.00 22.20 13.61
N ILE B 201 -5.74 21.69 12.63
CA ILE B 201 -5.42 22.00 11.24
C ILE B 201 -5.33 23.51 10.97
N ALA B 202 -6.21 24.30 11.56
CA ALA B 202 -6.18 25.74 11.37
C ALA B 202 -4.95 26.38 12.02
N ASP B 203 -4.68 26.02 13.28
CA ASP B 203 -3.53 26.56 14.02
C ASP B 203 -2.22 26.28 13.27
N HIS B 204 -2.28 25.41 12.28
CA HIS B 204 -1.08 25.08 11.51
C HIS B 204 -1.11 25.59 10.07
N GLY B 205 -1.94 26.61 9.84
CA GLY B 205 -2.04 27.19 8.52
C GLY B 205 -2.86 26.36 7.55
N GLY B 206 -3.53 25.34 8.07
CA GLY B 206 -4.35 24.48 7.24
C GLY B 206 -5.62 25.17 6.78
N PHE B 207 -6.42 24.47 5.97
CA PHE B 207 -7.65 24.98 5.41
C PHE B 207 -8.76 23.91 5.52
N VAL B 208 -10.01 24.35 5.65
CA VAL B 208 -11.12 23.41 5.76
C VAL B 208 -12.38 23.79 4.98
N GLY B 209 -12.64 23.06 3.90
CA GLY B 209 -13.84 23.30 3.12
C GLY B 209 -14.96 22.43 3.66
N VAL B 210 -16.12 22.99 3.94
CA VAL B 210 -17.21 22.20 4.49
C VAL B 210 -18.05 21.54 3.40
N THR B 211 -18.45 20.31 3.64
CA THR B 211 -19.25 19.55 2.67
C THR B 211 -20.67 19.39 3.16
N MSE B 212 -21.52 18.87 2.28
CA MSE B 212 -22.93 18.66 2.59
C MSE B 212 -23.43 17.28 2.22
O MSE B 212 -24.57 17.12 1.78
CB MSE B 212 -23.75 19.71 1.85
CG MSE B 212 -23.18 20.05 0.50
SE MSE B 212 -24.40 20.59 -0.67
CE MSE B 212 -24.67 19.02 -1.58
N PHE B 213 -22.59 16.26 2.40
CA PHE B 213 -23.02 14.91 2.06
C PHE B 213 -23.97 14.38 3.14
N ALA B 214 -25.21 14.13 2.74
CA ALA B 214 -26.27 13.65 3.61
C ALA B 214 -25.88 12.80 4.83
N PRO B 215 -25.21 11.66 4.60
CA PRO B 215 -24.78 10.77 5.69
C PRO B 215 -24.05 11.43 6.85
N PHE B 216 -23.34 12.53 6.58
CA PHE B 216 -22.55 13.18 7.61
C PHE B 216 -23.23 14.35 8.31
N LEU B 217 -24.37 14.77 7.78
CA LEU B 217 -25.12 15.88 8.37
C LEU B 217 -26.00 15.41 9.53
N LYS B 218 -26.09 16.25 10.56
CA LYS B 218 -26.90 15.94 11.73
C LYS B 218 -28.34 15.52 11.35
N LYS B 219 -28.97 16.27 10.46
CA LYS B 219 -30.35 15.99 10.04
C LYS B 219 -30.44 14.94 8.94
N GLY B 220 -29.30 14.48 8.45
CA GLY B 220 -29.32 13.47 7.40
C GLY B 220 -30.09 13.87 6.16
N ILE B 221 -30.83 12.92 5.59
CA ILE B 221 -31.63 13.14 4.39
C ILE B 221 -32.81 14.06 4.62
N ASP B 222 -32.83 14.72 5.78
CA ASP B 222 -33.89 15.65 6.14
C ASP B 222 -33.33 17.08 6.23
N SER B 223 -32.04 17.21 5.99
CA SER B 223 -31.36 18.50 6.03
C SER B 223 -31.88 19.48 5.00
N THR B 224 -31.54 20.76 5.18
CA THR B 224 -31.95 21.82 4.27
C THR B 224 -30.75 22.72 4.12
N ILE B 225 -30.79 23.63 3.15
CA ILE B 225 -29.66 24.50 2.92
C ILE B 225 -29.28 25.26 4.20
N ASP B 226 -30.22 25.38 5.12
CA ASP B 226 -29.94 26.06 6.39
C ASP B 226 -29.05 25.20 7.28
N ASP B 227 -29.38 23.90 7.34
CA ASP B 227 -28.60 22.95 8.14
C ASP B 227 -27.15 22.95 7.65
N TYR B 228 -26.96 23.36 6.41
CA TYR B 228 -25.63 23.41 5.83
C TYR B 228 -24.91 24.66 6.34
N ALA B 229 -25.63 25.77 6.40
CA ALA B 229 -25.07 27.02 6.89
C ALA B 229 -24.66 26.83 8.33
N GLU B 230 -25.48 26.11 9.09
CA GLU B 230 -25.23 25.85 10.49
C GLU B 230 -23.89 25.15 10.66
N ALA B 231 -23.60 24.20 9.77
CA ALA B 231 -22.33 23.49 9.83
C ALA B 231 -21.22 24.48 9.49
N ILE B 232 -21.41 25.25 8.41
CA ILE B 232 -20.41 26.22 8.00
C ILE B 232 -20.11 27.20 9.12
N GLU B 233 -21.14 27.55 9.86
CA GLU B 233 -20.99 28.48 10.97
C GLU B 233 -20.28 27.77 12.13
N TYR B 234 -20.60 26.49 12.32
CA TYR B 234 -19.99 25.71 13.39
C TYR B 234 -18.49 25.65 13.17
N VAL B 235 -18.09 25.32 11.94
CA VAL B 235 -16.67 25.22 11.60
C VAL B 235 -15.96 26.56 11.61
N MSE B 236 -16.59 27.58 11.06
CA MSE B 236 -15.96 28.89 11.03
C MSE B 236 -15.73 29.41 12.44
O MSE B 236 -14.81 30.19 12.68
CB MSE B 236 -16.82 29.88 10.23
CG MSE B 236 -16.07 31.17 9.87
SE MSE B 236 -17.00 32.30 8.82
CE MSE B 236 -17.65 33.36 10.09
N ASN B 237 -16.55 28.97 13.40
CA ASN B 237 -16.41 29.42 14.79
C ASN B 237 -15.09 28.97 15.41
N ILE B 238 -14.55 27.89 14.89
CA ILE B 238 -13.29 27.34 15.39
C ILE B 238 -12.15 27.82 14.50
N VAL B 239 -12.24 27.43 13.24
CA VAL B 239 -11.28 27.74 12.19
C VAL B 239 -10.98 29.21 11.87
N GLY B 240 -11.96 30.09 12.05
CA GLY B 240 -11.75 31.49 11.74
C GLY B 240 -12.24 31.81 10.33
N GLU B 241 -12.41 33.07 9.99
CA GLU B 241 -12.92 33.43 8.67
C GLU B 241 -11.94 33.30 7.50
N ASP B 242 -10.67 33.01 7.77
CA ASP B 242 -9.68 32.89 6.70
C ASP B 242 -9.30 31.47 6.33
N ALA B 243 -9.66 30.51 7.18
CA ALA B 243 -9.30 29.12 6.92
C ALA B 243 -10.48 28.22 6.57
N ILE B 244 -11.60 28.82 6.15
CA ILE B 244 -12.78 28.02 5.80
C ILE B 244 -13.29 28.25 4.38
N GLY B 245 -13.84 27.20 3.78
CA GLY B 245 -14.35 27.30 2.43
C GLY B 245 -15.44 26.31 2.18
N ILE B 246 -15.70 26.05 0.90
CA ILE B 246 -16.73 25.11 0.51
C ILE B 246 -16.13 23.92 -0.23
N GLY B 247 -16.73 22.76 -0.02
CA GLY B 247 -16.31 21.53 -0.67
C GLY B 247 -17.54 20.63 -0.74
N THR B 248 -18.56 21.11 -1.43
CA THR B 248 -19.80 20.34 -1.56
C THR B 248 -19.46 19.04 -2.24
N ASP B 249 -19.88 17.92 -1.66
CA ASP B 249 -19.57 16.64 -2.26
C ASP B 249 -20.60 16.33 -3.35
N PHE B 250 -20.60 17.13 -4.41
CA PHE B 250 -21.52 16.94 -5.53
C PHE B 250 -21.23 15.66 -6.32
N THR B 251 -22.25 14.81 -6.46
CA THR B 251 -22.15 13.56 -7.19
C THR B 251 -23.17 13.53 -8.32
N GLN B 252 -23.58 14.72 -8.75
CA GLN B 252 -24.58 14.90 -9.81
C GLN B 252 -24.43 13.99 -11.04
N GLY B 253 -25.46 13.20 -11.30
CA GLY B 253 -25.47 12.32 -12.46
C GLY B 253 -25.10 10.87 -12.21
N HIS B 254 -24.39 10.60 -11.11
CA HIS B 254 -23.97 9.24 -10.78
C HIS B 254 -25.08 8.32 -10.30
N GLY B 255 -24.97 7.05 -10.65
CA GLY B 255 -25.97 6.06 -10.26
C GLY B 255 -25.59 5.09 -9.15
N HIS B 256 -26.29 3.95 -9.12
CA HIS B 256 -26.08 2.93 -8.08
C HIS B 256 -24.67 2.32 -8.03
N ASP B 257 -24.16 1.88 -9.17
CA ASP B 257 -22.83 1.27 -9.19
C ASP B 257 -21.78 2.20 -8.60
N PHE B 258 -21.85 3.47 -8.98
CA PHE B 258 -20.90 4.47 -8.48
C PHE B 258 -20.76 4.46 -6.96
N PHE B 259 -21.88 4.40 -6.24
CA PHE B 259 -21.82 4.42 -4.79
C PHE B 259 -21.33 3.12 -4.16
N GLU B 260 -21.67 2.00 -4.79
CA GLU B 260 -21.20 0.72 -4.28
C GLU B 260 -19.68 0.72 -4.46
N TRP B 261 -19.25 1.37 -5.54
CA TRP B 261 -17.84 1.49 -5.88
C TRP B 261 -17.10 2.29 -4.80
N LEU B 262 -17.77 3.32 -4.31
CA LEU B 262 -17.23 4.19 -3.27
C LEU B 262 -17.28 3.57 -1.88
N THR B 263 -18.05 2.49 -1.73
CA THR B 263 -18.19 1.89 -0.41
C THR B 263 -17.54 0.53 -0.15
N HIS B 264 -16.92 -0.06 -1.17
CA HIS B 264 -16.23 -1.34 -0.97
C HIS B 264 -14.73 -1.12 -1.15
N ASP B 265 -13.91 -1.75 -0.31
CA ASP B 265 -12.48 -1.53 -0.42
C ASP B 265 -11.94 -1.84 -1.80
N LYS B 266 -10.99 -1.03 -2.25
CA LYS B 266 -10.39 -1.20 -3.57
C LYS B 266 -11.48 -1.11 -4.63
N GLY B 267 -12.68 -0.72 -4.21
CA GLY B 267 -13.80 -0.60 -5.12
C GLY B 267 -14.61 -1.86 -5.39
N TYR B 268 -14.31 -2.96 -4.70
CA TYR B 268 -15.05 -4.20 -4.95
C TYR B 268 -15.03 -5.23 -3.82
N ALA B 269 -14.08 -5.08 -2.90
CA ALA B 269 -13.91 -6.01 -1.79
C ALA B 269 -14.97 -5.95 -0.69
N ARG B 270 -14.52 -5.78 0.56
CA ARG B 270 -15.43 -5.73 1.70
C ARG B 270 -16.12 -4.38 1.84
N ARG B 271 -17.40 -4.39 2.24
CA ARG B 271 -18.11 -3.14 2.42
C ARG B 271 -17.53 -2.37 3.60
N LEU B 272 -17.08 -1.15 3.36
CA LEU B 272 -16.50 -0.33 4.41
C LEU B 272 -17.57 0.48 5.13
N THR B 273 -18.71 0.67 4.49
CA THR B 273 -19.80 1.45 5.08
C THR B 273 -21.01 1.37 4.18
N ASN B 274 -22.07 2.10 4.54
CA ASN B 274 -23.29 2.15 3.76
C ASN B 274 -23.90 3.53 3.95
N PHE B 275 -23.87 4.34 2.91
CA PHE B 275 -24.40 5.71 2.98
C PHE B 275 -25.90 5.80 3.13
N GLY B 276 -26.64 4.88 2.52
CA GLY B 276 -28.08 4.95 2.61
C GLY B 276 -28.61 5.76 1.44
N LYS B 277 -29.78 6.36 1.61
CA LYS B 277 -30.40 7.17 0.55
C LYS B 277 -29.65 8.47 0.32
N ILE B 278 -29.07 8.63 -0.85
CA ILE B 278 -28.33 9.84 -1.16
C ILE B 278 -29.24 11.00 -1.59
N VAL B 279 -29.44 11.95 -0.68
CA VAL B 279 -30.28 13.11 -0.93
C VAL B 279 -29.58 14.37 -0.45
N ASN B 280 -29.36 15.32 -1.35
CA ASN B 280 -28.70 16.56 -0.97
C ASN B 280 -29.69 17.46 -0.22
N PRO B 281 -29.18 18.28 0.73
CA PRO B 281 -30.07 19.17 1.49
C PRO B 281 -30.91 20.07 0.58
N LEU B 282 -32.18 20.21 0.90
CA LEU B 282 -33.11 21.01 0.10
C LEU B 282 -32.64 22.45 -0.10
N GLY B 283 -32.65 22.89 -1.36
CA GLY B 283 -32.22 24.24 -1.68
C GLY B 283 -30.79 24.31 -2.16
N ILE B 284 -30.20 23.16 -2.47
CA ILE B 284 -28.82 23.09 -2.94
C ILE B 284 -28.55 21.66 -3.43
N ARG B 285 -29.55 21.06 -4.08
CA ARG B 285 -29.43 19.70 -4.57
C ARG B 285 -28.74 19.53 -5.92
N THR B 286 -28.44 20.64 -6.59
CA THR B 286 -27.75 20.59 -7.88
C THR B 286 -26.74 21.72 -7.96
N VAL B 287 -25.62 21.48 -8.64
CA VAL B 287 -24.59 22.50 -8.78
C VAL B 287 -25.16 23.80 -9.34
N GLY B 288 -26.30 23.70 -10.03
CA GLY B 288 -26.91 24.91 -10.58
C GLY B 288 -27.59 25.80 -9.57
N GLU B 289 -27.68 25.34 -8.32
CA GLU B 289 -28.33 26.11 -7.26
C GLU B 289 -27.35 26.79 -6.32
N PHE B 290 -26.07 26.85 -6.74
CA PHE B 290 -25.03 27.46 -5.92
C PHE B 290 -25.37 28.85 -5.35
N PRO B 291 -25.99 29.73 -6.15
CA PRO B 291 -26.32 31.05 -5.62
C PRO B 291 -27.20 31.07 -4.37
N ASN B 292 -27.87 29.95 -4.09
CA ASN B 292 -28.72 29.87 -2.90
C ASN B 292 -27.86 29.80 -1.65
N LEU B 293 -26.64 29.30 -1.81
CA LEU B 293 -25.73 29.19 -0.68
C LEU B 293 -25.31 30.59 -0.27
N THR B 294 -25.02 31.43 -1.26
CA THR B 294 -24.62 32.80 -0.97
C THR B 294 -25.77 33.54 -0.34
N GLU B 295 -26.95 33.41 -0.93
CA GLU B 295 -28.13 34.07 -0.41
C GLU B 295 -28.32 33.71 1.07
N THR B 296 -28.31 32.42 1.37
CA THR B 296 -28.49 31.92 2.74
C THR B 296 -27.54 32.54 3.76
N LEU B 297 -26.24 32.28 3.59
CA LEU B 297 -25.21 32.79 4.51
C LEU B 297 -25.44 34.27 4.81
N LEU B 298 -25.75 35.03 3.75
CA LEU B 298 -26.00 36.46 3.84
C LEU B 298 -27.25 36.72 4.67
N LYS B 299 -28.28 35.90 4.41
CA LYS B 299 -29.54 36.00 5.11
C LYS B 299 -29.35 35.68 6.58
N ARG B 300 -28.40 34.79 6.87
CA ARG B 300 -28.14 34.41 8.25
C ARG B 300 -27.33 35.42 9.01
N GLY B 301 -26.81 36.43 8.32
CA GLY B 301 -26.06 37.46 9.03
C GLY B 301 -24.58 37.61 8.70
N MSE B 302 -24.04 36.69 7.92
CA MSE B 302 -22.63 36.76 7.58
C MSE B 302 -22.36 37.98 6.68
O MSE B 302 -22.91 38.09 5.58
CB MSE B 302 -22.23 35.46 6.87
CG MSE B 302 -20.73 35.26 6.74
SE MSE B 302 -20.31 33.56 6.30
CE MSE B 302 -20.46 33.62 4.59
N PRO B 303 -21.55 38.93 7.16
CA PRO B 303 -21.25 40.13 6.36
C PRO B 303 -20.66 39.83 4.97
N GLU B 304 -20.91 40.73 4.02
CA GLU B 304 -20.46 40.58 2.64
C GLU B 304 -19.02 40.10 2.41
N ARG B 305 -18.05 40.75 3.05
CA ARG B 305 -16.65 40.38 2.87
C ARG B 305 -16.35 38.94 3.30
N VAL B 306 -17.01 38.48 4.36
CA VAL B 306 -16.79 37.10 4.83
C VAL B 306 -17.45 36.13 3.85
N VAL B 307 -18.71 36.39 3.50
CA VAL B 307 -19.41 35.55 2.53
C VAL B 307 -18.54 35.38 1.29
N ARG B 308 -17.90 36.46 0.85
CA ARG B 308 -17.05 36.38 -0.32
C ARG B 308 -15.91 35.42 -0.03
N LYS B 309 -15.43 35.43 1.21
CA LYS B 309 -14.32 34.55 1.60
C LYS B 309 -14.72 33.09 1.62
N VAL B 310 -15.83 32.79 2.27
CA VAL B 310 -16.30 31.41 2.35
C VAL B 310 -16.60 30.84 0.98
N MSE B 311 -17.16 31.67 0.11
CA MSE B 311 -17.54 31.26 -1.24
C MSE B 311 -16.41 31.02 -2.25
O MSE B 311 -16.59 30.28 -3.22
CB MSE B 311 -18.52 32.27 -1.83
CG MSE B 311 -19.86 32.32 -1.11
SE MSE B 311 -20.68 30.58 -0.91
CE MSE B 311 -20.93 30.12 -2.77
N GLY B 312 -15.24 31.64 -2.04
CA GLY B 312 -14.14 31.43 -2.96
C GLY B 312 -12.80 32.04 -2.63
N GLU B 313 -12.80 33.24 -2.07
CA GLU B 313 -11.56 33.93 -1.74
C GLU B 313 -10.55 33.10 -0.94
N ASN B 314 -11.02 32.43 0.12
CA ASN B 314 -10.11 31.63 0.92
C ASN B 314 -9.44 30.52 0.11
N TRP B 315 -10.19 29.90 -0.79
CA TRP B 315 -9.61 28.85 -1.61
C TRP B 315 -8.48 29.39 -2.44
N VAL B 316 -8.77 30.40 -3.27
CA VAL B 316 -7.77 31.02 -4.13
C VAL B 316 -6.50 31.40 -3.36
N ARG B 317 -6.68 31.86 -2.12
CA ARG B 317 -5.56 32.28 -1.30
C ARG B 317 -4.64 31.13 -0.89
N VAL B 318 -5.23 30.01 -0.47
CA VAL B 318 -4.41 28.87 -0.07
C VAL B 318 -3.81 28.19 -1.28
N LEU B 319 -4.51 28.24 -2.41
CA LEU B 319 -4.00 27.62 -3.62
C LEU B 319 -2.89 28.47 -4.16
N ARG B 320 -3.02 29.79 -3.96
CA ARG B 320 -2.01 30.74 -4.40
C ARG B 320 -0.73 30.47 -3.63
N ASP B 321 -0.88 30.22 -2.33
CA ASP B 321 0.25 29.95 -1.46
C ASP B 321 0.92 28.60 -1.78
N VAL B 322 0.11 27.55 -1.80
CA VAL B 322 0.58 26.20 -2.07
C VAL B 322 1.25 26.02 -3.43
N TRP B 323 0.74 26.67 -4.47
CA TRP B 323 1.32 26.53 -5.81
C TRP B 323 2.47 27.50 -6.11
N GLY B 324 2.68 28.49 -5.25
CA GLY B 324 3.75 29.45 -5.51
C GLY B 324 3.32 30.48 -6.55
N GLU B 325 2.07 30.36 -6.98
CA GLU B 325 1.48 31.25 -7.98
C GLU B 325 -0.01 31.45 -7.69
#